data_5JU4
# 
_entry.id   5JU4 
# 
_audit_conform.dict_name       mmcif_pdbx.dic 
_audit_conform.dict_version    5.383 
_audit_conform.dict_location   http://mmcif.pdb.org/dictionaries/ascii/mmcif_pdbx.dic 
# 
loop_
_database_2.database_id 
_database_2.database_code 
_database_2.pdbx_database_accession 
_database_2.pdbx_DOI 
PDB   5JU4         pdb_00005ju4 10.2210/pdb5ju4/pdb 
WWPDB D_1000221022 ?            ?                   
# 
loop_
_pdbx_audit_revision_history.ordinal 
_pdbx_audit_revision_history.data_content_type 
_pdbx_audit_revision_history.major_revision 
_pdbx_audit_revision_history.minor_revision 
_pdbx_audit_revision_history.revision_date 
1 'Structure model' 1 0 2016-11-16 
2 'Structure model' 1 1 2024-01-10 
# 
_pdbx_audit_revision_details.ordinal             1 
_pdbx_audit_revision_details.revision_ordinal    1 
_pdbx_audit_revision_details.data_content_type   'Structure model' 
_pdbx_audit_revision_details.provider            repository 
_pdbx_audit_revision_details.type                'Initial release' 
_pdbx_audit_revision_details.description         ? 
_pdbx_audit_revision_details.details             ? 
# 
loop_
_pdbx_audit_revision_group.ordinal 
_pdbx_audit_revision_group.revision_ordinal 
_pdbx_audit_revision_group.data_content_type 
_pdbx_audit_revision_group.group 
1 2 'Structure model' 'Data collection'        
2 2 'Structure model' 'Database references'    
3 2 'Structure model' 'Refinement description' 
# 
loop_
_pdbx_audit_revision_category.ordinal 
_pdbx_audit_revision_category.revision_ordinal 
_pdbx_audit_revision_category.data_content_type 
_pdbx_audit_revision_category.category 
1 2 'Structure model' chem_comp_atom                
2 2 'Structure model' chem_comp_bond                
3 2 'Structure model' database_2                    
4 2 'Structure model' pdbx_initial_refinement_model 
# 
loop_
_pdbx_audit_revision_item.ordinal 
_pdbx_audit_revision_item.revision_ordinal 
_pdbx_audit_revision_item.data_content_type 
_pdbx_audit_revision_item.item 
1 2 'Structure model' '_database_2.pdbx_DOI'                
2 2 'Structure model' '_database_2.pdbx_database_accession' 
# 
_pdbx_database_status.status_code                     REL 
_pdbx_database_status.status_code_sf                  REL 
_pdbx_database_status.status_code_mr                  ? 
_pdbx_database_status.entry_id                        5JU4 
_pdbx_database_status.recvd_initial_deposition_date   2016-05-10 
_pdbx_database_status.SG_entry                        N 
_pdbx_database_status.deposit_site                    RCSB 
_pdbx_database_status.process_site                    PDBE 
_pdbx_database_status.status_code_cs                  ? 
_pdbx_database_status.methods_development_category    ? 
_pdbx_database_status.pdb_format_compatible           Y 
_pdbx_database_status.status_code_nmr_data            ? 
# 
loop_
_audit_author.name 
_audit_author.pdbx_ordinal 
'Sbirkova, H.'   1 
'Schivachev, B.' 2 
# 
_citation.abstract                  ? 
_citation.abstract_id_CAS           ? 
_citation.book_id_ISBN              ? 
_citation.book_publisher            ? 
_citation.book_publisher_city       ? 
_citation.book_title                ? 
_citation.coordinate_linkage        ? 
_citation.country                   BG 
_citation.database_id_Medline       ? 
_citation.details                   ? 
_citation.id                        primary 
_citation.journal_abbrev            Bul.Chem.Commn. 
_citation.journal_id_ASTM           ? 
_citation.journal_id_CSD            ? 
_citation.journal_id_ISSN           0324-1130 
_citation.journal_full              ? 
_citation.journal_issue             ? 
_citation.journal_volume            48 
_citation.language                  ? 
_citation.page_first                589 
_citation.page_last                 593 
_citation.title                     'Crystal structure of a DNA sequence d(CGTGAATTCACG) at 130K' 
_citation.year                      2016 
_citation.database_id_CSD           ? 
_citation.pdbx_database_id_DOI      ? 
_citation.pdbx_database_id_PubMed   ? 
_citation.unpublished_flag          ? 
# 
loop_
_citation_author.citation_id 
_citation_author.name 
_citation_author.ordinal 
_citation_author.identifier_ORCID 
primary 'Sbirkova, H.I.'   1 ? 
primary 'Schivachev, B.L.' 2 ? 
# 
loop_
_entity.id 
_entity.type 
_entity.src_method 
_entity.pdbx_description 
_entity.formula_weight 
_entity.pdbx_number_of_molecules 
_entity.pdbx_ec 
_entity.pdbx_mutation 
_entity.pdbx_fragment 
_entity.details 
1 polymer     syn 
;DNA (5'-D(*CP*GP*TP*GP*AP*AP*TP*TP*CP*AP*CP*G)-3')
;
3662.404 2  ? ? ? ? 
2 non-polymer syn 'MAGNESIUM ION'                                      24.305   1  ? ? ? ? 
3 non-polymer syn 'CHLORIDE ION'                                       35.453   1  ? ? ? ? 
4 water       nat water                                                18.015   56 ? ? ? ? 
# 
_entity_poly.entity_id                      1 
_entity_poly.type                           polydeoxyribonucleotide 
_entity_poly.nstd_linkage                   no 
_entity_poly.nstd_monomer                   no 
_entity_poly.pdbx_seq_one_letter_code       '(DC)(DG)(DT)(DG)(DA)(DA)(DT)(DT)(DC)(DA)(DC)(DG)' 
_entity_poly.pdbx_seq_one_letter_code_can   CGTGAATTCACG 
_entity_poly.pdbx_strand_id                 A,B 
_entity_poly.pdbx_target_identifier         ? 
# 
loop_
_pdbx_entity_nonpoly.entity_id 
_pdbx_entity_nonpoly.name 
_pdbx_entity_nonpoly.comp_id 
2 'MAGNESIUM ION' MG  
3 'CHLORIDE ION'  CL  
4 water           HOH 
# 
loop_
_entity_poly_seq.entity_id 
_entity_poly_seq.num 
_entity_poly_seq.mon_id 
_entity_poly_seq.hetero 
1 1  DC n 
1 2  DG n 
1 3  DT n 
1 4  DG n 
1 5  DA n 
1 6  DA n 
1 7  DT n 
1 8  DT n 
1 9  DC n 
1 10 DA n 
1 11 DC n 
1 12 DG n 
# 
_pdbx_entity_src_syn.entity_id              1 
_pdbx_entity_src_syn.pdbx_src_id            1 
_pdbx_entity_src_syn.pdbx_alt_source_flag   sample 
_pdbx_entity_src_syn.pdbx_beg_seq_num       1 
_pdbx_entity_src_syn.pdbx_end_seq_num       12 
_pdbx_entity_src_syn.organism_scientific    'synthetic construct' 
_pdbx_entity_src_syn.organism_common_name   ? 
_pdbx_entity_src_syn.ncbi_taxonomy_id       32630 
_pdbx_entity_src_syn.details                ? 
# 
loop_
_chem_comp.id 
_chem_comp.type 
_chem_comp.mon_nstd_flag 
_chem_comp.name 
_chem_comp.pdbx_synonyms 
_chem_comp.formula 
_chem_comp.formula_weight 
CL  non-polymer   . 'CHLORIDE ION'                       ? 'Cl -1'           35.453  
DA  'DNA linking' y "2'-DEOXYADENOSINE-5'-MONOPHOSPHATE" ? 'C10 H14 N5 O6 P' 331.222 
DC  'DNA linking' y "2'-DEOXYCYTIDINE-5'-MONOPHOSPHATE"  ? 'C9 H14 N3 O7 P'  307.197 
DG  'DNA linking' y "2'-DEOXYGUANOSINE-5'-MONOPHOSPHATE" ? 'C10 H14 N5 O7 P' 347.221 
DT  'DNA linking' y "THYMIDINE-5'-MONOPHOSPHATE"         ? 'C10 H15 N2 O8 P' 322.208 
HOH non-polymer   . WATER                                ? 'H2 O'            18.015  
MG  non-polymer   . 'MAGNESIUM ION'                      ? 'Mg 2'            24.305  
# 
loop_
_pdbx_poly_seq_scheme.asym_id 
_pdbx_poly_seq_scheme.entity_id 
_pdbx_poly_seq_scheme.seq_id 
_pdbx_poly_seq_scheme.mon_id 
_pdbx_poly_seq_scheme.ndb_seq_num 
_pdbx_poly_seq_scheme.pdb_seq_num 
_pdbx_poly_seq_scheme.auth_seq_num 
_pdbx_poly_seq_scheme.pdb_mon_id 
_pdbx_poly_seq_scheme.auth_mon_id 
_pdbx_poly_seq_scheme.pdb_strand_id 
_pdbx_poly_seq_scheme.pdb_ins_code 
_pdbx_poly_seq_scheme.hetero 
A 1 1  DC 1  1  1  DC DC A . n 
A 1 2  DG 2  2  2  DG DG A . n 
A 1 3  DT 3  3  3  DT DT A . n 
A 1 4  DG 4  4  4  DG DG A . n 
A 1 5  DA 5  5  5  DA DA A . n 
A 1 6  DA 6  6  6  DA DA A . n 
A 1 7  DT 7  7  7  DT DT A . n 
A 1 8  DT 8  8  8  DT DT A . n 
A 1 9  DC 9  9  9  DC DC A . n 
A 1 10 DA 10 10 10 DA DA A . n 
A 1 11 DC 11 11 11 DC DC A . n 
A 1 12 DG 12 12 12 DG DG A . n 
B 1 1  DC 1  13 13 DC DC B . n 
B 1 2  DG 2  14 14 DG DG B . n 
B 1 3  DT 3  15 15 DT DT B . n 
B 1 4  DG 4  16 16 DG DG B . n 
B 1 5  DA 5  17 17 DA DA B . n 
B 1 6  DA 6  18 18 DA DA B . n 
B 1 7  DT 7  19 19 DT DT B . n 
B 1 8  DT 8  20 20 DT DT B . n 
B 1 9  DC 9  21 21 DC DC B . n 
B 1 10 DA 10 22 22 DA DA B . n 
B 1 11 DC 11 23 23 DC DC B . n 
B 1 12 DG 12 24 24 DG DG B . n 
# 
loop_
_pdbx_nonpoly_scheme.asym_id 
_pdbx_nonpoly_scheme.entity_id 
_pdbx_nonpoly_scheme.mon_id 
_pdbx_nonpoly_scheme.ndb_seq_num 
_pdbx_nonpoly_scheme.pdb_seq_num 
_pdbx_nonpoly_scheme.auth_seq_num 
_pdbx_nonpoly_scheme.pdb_mon_id 
_pdbx_nonpoly_scheme.auth_mon_id 
_pdbx_nonpoly_scheme.pdb_strand_id 
_pdbx_nonpoly_scheme.pdb_ins_code 
C 2 MG  1  101 1  MG  MG  A . 
D 3 CL  1  102 2  CL  CL  A . 
E 4 HOH 1  201 74 HOH HOH A . 
E 4 HOH 2  202 7  HOH HOH A . 
E 4 HOH 3  203 24 HOH HOH A . 
E 4 HOH 4  204 2  HOH HOH A . 
E 4 HOH 5  205 16 HOH HOH A . 
E 4 HOH 6  206 39 HOH HOH A . 
E 4 HOH 7  207 20 HOH HOH A . 
E 4 HOH 8  208 26 HOH HOH A . 
E 4 HOH 9  209 14 HOH HOH A . 
E 4 HOH 10 210 11 HOH HOH A . 
E 4 HOH 11 211 38 HOH HOH A . 
E 4 HOH 12 212 30 HOH HOH A . 
E 4 HOH 13 213 1  HOH HOH A . 
E 4 HOH 14 214 35 HOH HOH A . 
E 4 HOH 15 215 15 HOH HOH A . 
E 4 HOH 16 216 27 HOH HOH A . 
E 4 HOH 17 217 6  HOH HOH A . 
E 4 HOH 18 218 41 HOH HOH A . 
E 4 HOH 19 219 33 HOH HOH A . 
E 4 HOH 20 220 60 HOH HOH A . 
E 4 HOH 21 221 4  HOH HOH A . 
E 4 HOH 22 222 44 HOH HOH A . 
E 4 HOH 23 223 40 HOH HOH A . 
E 4 HOH 24 224 57 HOH HOH A . 
E 4 HOH 25 225 19 HOH HOH A . 
E 4 HOH 26 226 36 HOH HOH A . 
E 4 HOH 27 227 71 HOH HOH A . 
E 4 HOH 28 228 67 HOH HOH A . 
E 4 HOH 29 229 37 HOH HOH A . 
E 4 HOH 30 230 29 HOH HOH A . 
E 4 HOH 31 231 73 HOH HOH A . 
E 4 HOH 32 232 5  HOH HOH A . 
E 4 HOH 33 233 65 HOH HOH A . 
F 4 HOH 1  101 46 HOH HOH B . 
F 4 HOH 2  102 3  HOH HOH B . 
F 4 HOH 3  103 32 HOH HOH B . 
F 4 HOH 4  104 43 HOH HOH B . 
F 4 HOH 5  105 13 HOH HOH B . 
F 4 HOH 6  106 8  HOH HOH B . 
F 4 HOH 7  107 47 HOH HOH B . 
F 4 HOH 8  108 18 HOH HOH B . 
F 4 HOH 9  109 17 HOH HOH B . 
F 4 HOH 10 110 31 HOH HOH B . 
F 4 HOH 11 111 22 HOH HOH B . 
F 4 HOH 12 112 21 HOH HOH B . 
F 4 HOH 13 113 53 HOH HOH B . 
F 4 HOH 14 114 52 HOH HOH B . 
F 4 HOH 15 115 69 HOH HOH B . 
F 4 HOH 16 116 66 HOH HOH B . 
F 4 HOH 17 117 55 HOH HOH B . 
F 4 HOH 18 118 68 HOH HOH B . 
F 4 HOH 19 119 23 HOH HOH B . 
F 4 HOH 20 120 54 HOH HOH B . 
F 4 HOH 21 121 9  HOH HOH B . 
F 4 HOH 22 122 25 HOH HOH B . 
F 4 HOH 23 123 64 HOH HOH B . 
# 
loop_
_software.citation_id 
_software.classification 
_software.compiler_name 
_software.compiler_version 
_software.contact_author 
_software.contact_author_email 
_software.date 
_software.description 
_software.dependencies 
_software.hardware 
_software.language 
_software.location 
_software.mods 
_software.name 
_software.os 
_software.os_version 
_software.type 
_software.version 
_software.pdbx_ordinal 
? refinement       ? ? ? ? ? ? ? ? ? ? ? REFMAC      ? ? ? 5.8.0135  1 
? 'data reduction' ? ? ? ? ? ? ? ? ? ? ? CrysalisPro ? ? ? 171.37.35 2 
? 'data scaling'   ? ? ? ? ? ? ? ? ? ? ? CrysalisPro ? ? ? 171.37.35 3 
? phasing          ? ? ? ? ? ? ? ? ? ? ? PHASER      ? ? ? 2.5.7     4 
# 
_cell.angle_alpha                  90.00 
_cell.angle_alpha_esd              ? 
_cell.angle_beta                   90.00 
_cell.angle_beta_esd               ? 
_cell.angle_gamma                  90.00 
_cell.angle_gamma_esd              ? 
_cell.entry_id                     5JU4 
_cell.details                      ? 
_cell.formula_units_Z              ? 
_cell.length_a                     24.503 
_cell.length_a_esd                 ? 
_cell.length_b                     41.090 
_cell.length_b_esd                 ? 
_cell.length_c                     65.184 
_cell.length_c_esd                 ? 
_cell.volume                       ? 
_cell.volume_esd                   ? 
_cell.Z_PDB                        8 
_cell.reciprocal_angle_alpha       ? 
_cell.reciprocal_angle_beta        ? 
_cell.reciprocal_angle_gamma       ? 
_cell.reciprocal_angle_alpha_esd   ? 
_cell.reciprocal_angle_beta_esd    ? 
_cell.reciprocal_angle_gamma_esd   ? 
_cell.reciprocal_length_a          ? 
_cell.reciprocal_length_b          ? 
_cell.reciprocal_length_c          ? 
_cell.reciprocal_length_a_esd      ? 
_cell.reciprocal_length_b_esd      ? 
_cell.reciprocal_length_c_esd      ? 
_cell.pdbx_unique_axis             ? 
# 
_symmetry.entry_id                         5JU4 
_symmetry.cell_setting                     ? 
_symmetry.Int_Tables_number                19 
_symmetry.space_group_name_Hall            ? 
_symmetry.space_group_name_H-M             'P 21 21 21' 
_symmetry.pdbx_full_space_group_name_H-M   ? 
# 
_exptl.absorpt_coefficient_mu     ? 
_exptl.absorpt_correction_T_max   ? 
_exptl.absorpt_correction_T_min   ? 
_exptl.absorpt_correction_type    ? 
_exptl.absorpt_process_details    ? 
_exptl.entry_id                   5JU4 
_exptl.crystals_number            1 
_exptl.details                    ? 
_exptl.method                     'X-RAY DIFFRACTION' 
_exptl.method_details             ? 
# 
_exptl_crystal.colour                      ? 
_exptl_crystal.density_diffrn              ? 
_exptl_crystal.density_Matthews            2.24 
_exptl_crystal.density_method              ? 
_exptl_crystal.density_percent_sol         45.09 
_exptl_crystal.description                 'block 0.35x0.35x0.3 mm3' 
_exptl_crystal.F_000                       ? 
_exptl_crystal.id                          1 
_exptl_crystal.preparation                 ? 
_exptl_crystal.size_max                    ? 
_exptl_crystal.size_mid                    ? 
_exptl_crystal.size_min                    ? 
_exptl_crystal.size_rad                    ? 
_exptl_crystal.colour_lustre               ? 
_exptl_crystal.colour_modifier             ? 
_exptl_crystal.colour_primary              ? 
_exptl_crystal.density_meas                ? 
_exptl_crystal.density_meas_esd            ? 
_exptl_crystal.density_meas_gt             ? 
_exptl_crystal.density_meas_lt             ? 
_exptl_crystal.density_meas_temp           ? 
_exptl_crystal.density_meas_temp_esd       ? 
_exptl_crystal.density_meas_temp_gt        ? 
_exptl_crystal.density_meas_temp_lt        ? 
_exptl_crystal.pdbx_crystal_image_url      ? 
_exptl_crystal.pdbx_crystal_image_format   ? 
_exptl_crystal.pdbx_mosaicity              ? 
_exptl_crystal.pdbx_mosaicity_esd          ? 
# 
_exptl_crystal_grow.apparatus       ? 
_exptl_crystal_grow.atmosphere      ? 
_exptl_crystal_grow.crystal_id      1 
_exptl_crystal_grow.details         ? 
_exptl_crystal_grow.method          'VAPOR DIFFUSION, HANGING DROP' 
_exptl_crystal_grow.method_ref      ? 
_exptl_crystal_grow.pH              ? 
_exptl_crystal_grow.pressure        ? 
_exptl_crystal_grow.pressure_esd    ? 
_exptl_crystal_grow.seeding         ? 
_exptl_crystal_grow.seeding_ref     ? 
_exptl_crystal_grow.temp            293 
_exptl_crystal_grow.temp_details    ? 
_exptl_crystal_grow.temp_esd        ? 
_exptl_crystal_grow.time            ? 
_exptl_crystal_grow.pdbx_details    '60mM Sodium cacodylate, 17mM MgCl2, 2m M Spermine, 50% MPD, 1.5mM DAPI' 
_exptl_crystal_grow.pdbx_pH_range   ? 
# 
_diffrn.ambient_environment    ? 
_diffrn.ambient_temp           130 
_diffrn.ambient_temp_details   ? 
_diffrn.ambient_temp_esd       ? 
_diffrn.crystal_id             1 
_diffrn.crystal_support        ? 
_diffrn.crystal_treatment      ? 
_diffrn.details                ? 
_diffrn.id                     1 
_diffrn.ambient_pressure       ? 
_diffrn.ambient_pressure_esd   ? 
_diffrn.ambient_pressure_gt    ? 
_diffrn.ambient_pressure_lt    ? 
_diffrn.ambient_temp_gt        ? 
_diffrn.ambient_temp_lt        ? 
# 
_diffrn_detector.details                      ? 
_diffrn_detector.detector                     CCD 
_diffrn_detector.diffrn_id                    1 
_diffrn_detector.type                         'AGILENT ATLAS CCD' 
_diffrn_detector.area_resol_mean              ? 
_diffrn_detector.dtime                        ? 
_diffrn_detector.pdbx_frames_total            ? 
_diffrn_detector.pdbx_collection_time_total   ? 
_diffrn_detector.pdbx_collection_date         2016-04-27 
# 
_diffrn_radiation.collimation                      ? 
_diffrn_radiation.diffrn_id                        1 
_diffrn_radiation.filter_edge                      ? 
_diffrn_radiation.inhomogeneity                    ? 
_diffrn_radiation.monochromator                    ? 
_diffrn_radiation.polarisn_norm                    ? 
_diffrn_radiation.polarisn_ratio                   ? 
_diffrn_radiation.probe                            ? 
_diffrn_radiation.type                             ? 
_diffrn_radiation.xray_symbol                      ? 
_diffrn_radiation.wavelength_id                    1 
_diffrn_radiation.pdbx_monochromatic_or_laue_m_l   M 
_diffrn_radiation.pdbx_wavelength_list             ? 
_diffrn_radiation.pdbx_wavelength                  ? 
_diffrn_radiation.pdbx_diffrn_protocol             'SINGLE WAVELENGTH' 
_diffrn_radiation.pdbx_analyzer                    ? 
_diffrn_radiation.pdbx_scattering_type             x-ray 
# 
_diffrn_radiation_wavelength.id           1 
_diffrn_radiation_wavelength.wavelength   1.54 
_diffrn_radiation_wavelength.wt           1.0 
# 
_diffrn_source.current                     ? 
_diffrn_source.details                     ? 
_diffrn_source.diffrn_id                   1 
_diffrn_source.power                       ? 
_diffrn_source.size                        ? 
_diffrn_source.source                      'SEALED TUBE' 
_diffrn_source.target                      ? 
_diffrn_source.type                        'OXFORD DIFFRACTION ENHANCE ULTRA' 
_diffrn_source.voltage                     ? 
_diffrn_source.take-off_angle              ? 
_diffrn_source.pdbx_wavelength_list        1.54 
_diffrn_source.pdbx_wavelength             ? 
_diffrn_source.pdbx_synchrotron_beamline   ? 
_diffrn_source.pdbx_synchrotron_site       ? 
# 
_reflns.B_iso_Wilson_estimate            ? 
_reflns.entry_id                         5JU4 
_reflns.data_reduction_details           ? 
_reflns.data_reduction_method            ? 
_reflns.d_resolution_high                2.00 
_reflns.d_resolution_low                 14.8 
_reflns.details                          ? 
_reflns.limit_h_max                      ? 
_reflns.limit_h_min                      ? 
_reflns.limit_k_max                      ? 
_reflns.limit_k_min                      ? 
_reflns.limit_l_max                      ? 
_reflns.limit_l_min                      ? 
_reflns.number_all                       ? 
_reflns.number_obs                       4550 
_reflns.observed_criterion               ? 
_reflns.observed_criterion_F_max         ? 
_reflns.observed_criterion_F_min         ? 
_reflns.observed_criterion_I_max         ? 
_reflns.observed_criterion_I_min         ? 
_reflns.observed_criterion_sigma_F       ? 
_reflns.observed_criterion_sigma_I       ? 
_reflns.percent_possible_obs             99.5 
_reflns.R_free_details                   ? 
_reflns.Rmerge_F_all                     ? 
_reflns.Rmerge_F_obs                     ? 
_reflns.Friedel_coverage                 ? 
_reflns.number_gt                        ? 
_reflns.threshold_expression             ? 
_reflns.pdbx_redundancy                  3.9 
_reflns.pdbx_Rmerge_I_obs                0.075 
_reflns.pdbx_Rmerge_I_all                ? 
_reflns.pdbx_Rsym_value                  ? 
_reflns.pdbx_netI_over_av_sigmaI         ? 
_reflns.pdbx_netI_over_sigmaI            18.7 
_reflns.pdbx_res_netI_over_av_sigmaI_2   ? 
_reflns.pdbx_res_netI_over_sigmaI_2      ? 
_reflns.pdbx_chi_squared                 ? 
_reflns.pdbx_scaling_rejects             ? 
_reflns.pdbx_d_res_high_opt              ? 
_reflns.pdbx_d_res_low_opt               ? 
_reflns.pdbx_d_res_opt_method            ? 
_reflns.phase_calculation_details        ? 
_reflns.pdbx_Rrim_I_all                  ? 
_reflns.pdbx_Rpim_I_all                  ? 
_reflns.pdbx_d_opt                       ? 
_reflns.pdbx_number_measured_all         ? 
_reflns.pdbx_diffrn_id                   1 
_reflns.pdbx_ordinal                     1 
_reflns.pdbx_CC_half                     ? 
_reflns.pdbx_R_split                     ? 
# 
_reflns_shell.d_res_high                  2.00 
_reflns_shell.d_res_low                   2.07 
_reflns_shell.meanI_over_sigI_all         ? 
_reflns_shell.meanI_over_sigI_obs         ? 
_reflns_shell.number_measured_all         ? 
_reflns_shell.number_measured_obs         ? 
_reflns_shell.number_possible             ? 
_reflns_shell.number_unique_all           ? 
_reflns_shell.number_unique_obs           ? 
_reflns_shell.percent_possible_all        ? 
_reflns_shell.percent_possible_obs        ? 
_reflns_shell.Rmerge_F_all                ? 
_reflns_shell.Rmerge_F_obs                ? 
_reflns_shell.Rmerge_I_all                ? 
_reflns_shell.Rmerge_I_obs                0.368 
_reflns_shell.meanI_over_sigI_gt          ? 
_reflns_shell.meanI_over_uI_all           ? 
_reflns_shell.meanI_over_uI_gt            ? 
_reflns_shell.number_measured_gt          ? 
_reflns_shell.number_unique_gt            ? 
_reflns_shell.percent_possible_gt         ? 
_reflns_shell.Rmerge_F_gt                 ? 
_reflns_shell.Rmerge_I_gt                 ? 
_reflns_shell.pdbx_redundancy             ? 
_reflns_shell.pdbx_Rsym_value             ? 
_reflns_shell.pdbx_chi_squared            ? 
_reflns_shell.pdbx_netI_over_sigmaI_all   ? 
_reflns_shell.pdbx_netI_over_sigmaI_obs   ? 
_reflns_shell.pdbx_Rrim_I_all             ? 
_reflns_shell.pdbx_Rpim_I_all             ? 
_reflns_shell.pdbx_rejects                ? 
_reflns_shell.pdbx_ordinal                1 
_reflns_shell.pdbx_diffrn_id              1 
_reflns_shell.pdbx_CC_half                ? 
_reflns_shell.pdbx_R_split                ? 
# 
_refine.aniso_B[1][1]                            1.54 
_refine.aniso_B[1][2]                            0.00 
_refine.aniso_B[1][3]                            0.00 
_refine.aniso_B[2][2]                            0.65 
_refine.aniso_B[2][3]                            -0.00 
_refine.aniso_B[3][3]                            -2.19 
_refine.B_iso_max                                ? 
_refine.B_iso_mean                               31.010 
_refine.B_iso_min                                ? 
_refine.correlation_coeff_Fo_to_Fc               0.963 
_refine.correlation_coeff_Fo_to_Fc_free          0.932 
_refine.details                                  'HYDROGENS HAVE BEEN ADDED IN THE RIDING POSITIONS' 
_refine.diff_density_max                         ? 
_refine.diff_density_max_esd                     ? 
_refine.diff_density_min                         ? 
_refine.diff_density_min_esd                     ? 
_refine.diff_density_rms                         ? 
_refine.diff_density_rms_esd                     ? 
_refine.entry_id                                 5JU4 
_refine.pdbx_refine_id                           'X-RAY DIFFRACTION' 
_refine.ls_abs_structure_details                 ? 
_refine.ls_abs_structure_Flack                   ? 
_refine.ls_abs_structure_Flack_esd               ? 
_refine.ls_abs_structure_Rogers                  ? 
_refine.ls_abs_structure_Rogers_esd              ? 
_refine.ls_d_res_high                            2.00 
_refine.ls_d_res_low                             34.76 
_refine.ls_extinction_coef                       ? 
_refine.ls_extinction_coef_esd                   ? 
_refine.ls_extinction_expression                 ? 
_refine.ls_extinction_method                     ? 
_refine.ls_goodness_of_fit_all                   ? 
_refine.ls_goodness_of_fit_all_esd               ? 
_refine.ls_goodness_of_fit_obs                   ? 
_refine.ls_goodness_of_fit_obs_esd               ? 
_refine.ls_hydrogen_treatment                    ? 
_refine.ls_matrix_type                           ? 
_refine.ls_number_constraints                    ? 
_refine.ls_number_parameters                     ? 
_refine.ls_number_reflns_all                     ? 
_refine.ls_number_reflns_obs                     4524 
_refine.ls_number_reflns_R_free                  250 
_refine.ls_number_reflns_R_work                  ? 
_refine.ls_number_restraints                     ? 
_refine.ls_percent_reflns_obs                    99.54 
_refine.ls_percent_reflns_R_free                 5.2 
_refine.ls_R_factor_all                          ? 
_refine.ls_R_factor_obs                          0.22260 
_refine.ls_R_factor_R_free                       0.29214 
_refine.ls_R_factor_R_free_error                 ? 
_refine.ls_R_factor_R_free_error_details         ? 
_refine.ls_R_factor_R_work                       0.21864 
_refine.ls_R_Fsqd_factor_obs                     ? 
_refine.ls_R_I_factor_obs                        ? 
_refine.ls_redundancy_reflns_all                 ? 
_refine.ls_redundancy_reflns_obs                 ? 
_refine.ls_restrained_S_all                      ? 
_refine.ls_restrained_S_obs                      ? 
_refine.ls_shift_over_esd_max                    ? 
_refine.ls_shift_over_esd_mean                   ? 
_refine.ls_structure_factor_coef                 ? 
_refine.ls_weighting_details                     ? 
_refine.ls_weighting_scheme                      ? 
_refine.ls_wR_factor_all                         ? 
_refine.ls_wR_factor_obs                         ? 
_refine.ls_wR_factor_R_free                      ? 
_refine.ls_wR_factor_R_work                      ? 
_refine.occupancy_max                            ? 
_refine.occupancy_min                            ? 
_refine.solvent_model_details                    ? 
_refine.solvent_model_param_bsol                 ? 
_refine.solvent_model_param_ksol                 ? 
_refine.ls_R_factor_gt                           ? 
_refine.ls_goodness_of_fit_gt                    ? 
_refine.ls_goodness_of_fit_ref                   ? 
_refine.ls_shift_over_su_max                     ? 
_refine.ls_shift_over_su_max_lt                  ? 
_refine.ls_shift_over_su_mean                    ? 
_refine.ls_shift_over_su_mean_lt                 ? 
_refine.pdbx_ls_sigma_I                          ? 
_refine.pdbx_ls_sigma_F                          ? 
_refine.pdbx_ls_sigma_Fsqd                       ? 
_refine.pdbx_data_cutoff_high_absF               ? 
_refine.pdbx_data_cutoff_high_rms_absF           ? 
_refine.pdbx_data_cutoff_low_absF                ? 
_refine.pdbx_isotropic_thermal_model             ? 
_refine.pdbx_ls_cross_valid_method               THROUGHOUT 
_refine.pdbx_method_to_determine_struct          'MOLECULAR REPLACEMENT' 
_refine.pdbx_starting_model                      1D29 
_refine.pdbx_stereochemistry_target_values       ? 
_refine.pdbx_R_Free_selection_details            RANDOM 
_refine.pdbx_stereochem_target_val_spec_case     ? 
_refine.pdbx_overall_ESU_R                       0.215 
_refine.pdbx_overall_ESU_R_Free                  0.207 
_refine.pdbx_solvent_vdw_probe_radii             1.20 
_refine.pdbx_solvent_ion_probe_radii             0.80 
_refine.pdbx_solvent_shrinkage_radii             0.80 
_refine.pdbx_real_space_R                        ? 
_refine.pdbx_density_correlation                 ? 
_refine.pdbx_pd_number_of_powder_patterns        ? 
_refine.pdbx_pd_number_of_points                 ? 
_refine.pdbx_pd_meas_number_of_points            ? 
_refine.pdbx_pd_proc_ls_prof_R_factor            ? 
_refine.pdbx_pd_proc_ls_prof_wR_factor           ? 
_refine.pdbx_pd_Marquardt_correlation_coeff      ? 
_refine.pdbx_pd_Fsqrd_R_factor                   ? 
_refine.pdbx_pd_ls_matrix_band_width             ? 
_refine.pdbx_overall_phase_error                 ? 
_refine.pdbx_overall_SU_R_free_Cruickshank_DPI   ? 
_refine.pdbx_overall_SU_R_free_Blow_DPI          ? 
_refine.pdbx_overall_SU_R_Blow_DPI               ? 
_refine.pdbx_TLS_residual_ADP_flag               ? 
_refine.pdbx_diffrn_id                           1 
_refine.overall_SU_B                             5.277 
_refine.overall_SU_ML                            0.144 
_refine.overall_SU_R_Cruickshank_DPI             ? 
_refine.overall_SU_R_free                        ? 
_refine.overall_FOM_free_R_set                   ? 
_refine.overall_FOM_work_R_set                   ? 
_refine.pdbx_average_fsc_overall                 ? 
_refine.pdbx_average_fsc_work                    ? 
_refine.pdbx_average_fsc_free                    ? 
# 
_refine_hist.pdbx_refine_id                   'X-RAY DIFFRACTION' 
_refine_hist.cycle_id                         1 
_refine_hist.pdbx_number_atoms_protein        0 
_refine_hist.pdbx_number_atoms_nucleic_acid   486 
_refine_hist.pdbx_number_atoms_ligand         2 
_refine_hist.number_atoms_solvent             56 
_refine_hist.number_atoms_total               544 
_refine_hist.d_res_high                       2.00 
_refine_hist.d_res_low                        34.76 
# 
loop_
_refine_ls_restr.pdbx_refine_id 
_refine_ls_restr.criterion 
_refine_ls_restr.dev_ideal 
_refine_ls_restr.dev_ideal_target 
_refine_ls_restr.number 
_refine_ls_restr.rejects 
_refine_ls_restr.type 
_refine_ls_restr.weight 
_refine_ls_restr.pdbx_restraint_function 
'X-RAY DIFFRACTION' ? 0.009 0.011  544 ? r_bond_refined_d             ? ? 
'X-RAY DIFFRACTION' ? 0.004 0.020  272 ? r_bond_other_d               ? ? 
'X-RAY DIFFRACTION' ? 1.776 1.170  836 ? r_angle_refined_deg          ? ? 
'X-RAY DIFFRACTION' ? 1.819 3.000  644 ? r_angle_other_deg            ? ? 
'X-RAY DIFFRACTION' ? ?     ?      ?   ? r_dihedral_angle_1_deg       ? ? 
'X-RAY DIFFRACTION' ? ?     ?      ?   ? r_dihedral_angle_2_deg       ? ? 
'X-RAY DIFFRACTION' ? ?     ?      ?   ? r_dihedral_angle_3_deg       ? ? 
'X-RAY DIFFRACTION' ? ?     ?      ?   ? r_dihedral_angle_4_deg       ? ? 
'X-RAY DIFFRACTION' ? 0.081 0.200  72  ? r_chiral_restr               ? ? 
'X-RAY DIFFRACTION' ? 0.020 0.020  284 ? r_gen_planes_refined         ? ? 
'X-RAY DIFFRACTION' ? 0.002 0.020  116 ? r_gen_planes_other           ? ? 
'X-RAY DIFFRACTION' ? ?     ?      ?   ? r_nbd_refined                ? ? 
'X-RAY DIFFRACTION' ? ?     ?      ?   ? r_nbd_other                  ? ? 
'X-RAY DIFFRACTION' ? ?     ?      ?   ? r_nbtor_refined              ? ? 
'X-RAY DIFFRACTION' ? ?     ?      ?   ? r_nbtor_other                ? ? 
'X-RAY DIFFRACTION' ? ?     ?      ?   ? r_xyhbond_nbd_refined        ? ? 
'X-RAY DIFFRACTION' ? ?     ?      ?   ? r_xyhbond_nbd_other          ? ? 
'X-RAY DIFFRACTION' ? ?     ?      ?   ? r_metal_ion_refined          ? ? 
'X-RAY DIFFRACTION' ? ?     ?      ?   ? r_metal_ion_other            ? ? 
'X-RAY DIFFRACTION' ? ?     ?      ?   ? r_symmetry_vdw_refined       ? ? 
'X-RAY DIFFRACTION' ? ?     ?      ?   ? r_symmetry_vdw_other         ? ? 
'X-RAY DIFFRACTION' ? ?     ?      ?   ? r_symmetry_hbond_refined     ? ? 
'X-RAY DIFFRACTION' ? ?     ?      ?   ? r_symmetry_hbond_other       ? ? 
'X-RAY DIFFRACTION' ? ?     ?      ?   ? r_symmetry_metal_ion_refined ? ? 
'X-RAY DIFFRACTION' ? ?     ?      ?   ? r_symmetry_metal_ion_other   ? ? 
'X-RAY DIFFRACTION' ? ?     ?      ?   ? r_mcbond_it                  ? ? 
'X-RAY DIFFRACTION' ? ?     ?      ?   ? r_mcbond_other               ? ? 
'X-RAY DIFFRACTION' ? ?     ?      ?   ? r_mcangle_it                 ? ? 
'X-RAY DIFFRACTION' ? ?     ?      ?   ? r_mcangle_other              ? ? 
'X-RAY DIFFRACTION' ? 3.370 3.143  544 ? r_scbond_it                  ? ? 
'X-RAY DIFFRACTION' ? 3.368 3.144  543 ? r_scbond_other               ? ? 
'X-RAY DIFFRACTION' ? ?     ?      ?   ? r_scangle_it                 ? ? 
'X-RAY DIFFRACTION' ? 4.801 4.728  837 ? r_scangle_other              ? ? 
'X-RAY DIFFRACTION' ? 7.142 29.775 814 ? r_long_range_B_refined       ? ? 
'X-RAY DIFFRACTION' ? 6.484 29.529 790 ? r_long_range_B_other         ? ? 
'X-RAY DIFFRACTION' ? ?     ?      ?   ? r_rigid_bond_restr           ? ? 
'X-RAY DIFFRACTION' ? ?     ?      ?   ? r_sphericity_free            ? ? 
'X-RAY DIFFRACTION' ? ?     ?      ?   ? r_sphericity_bonded          ? ? 
# 
_refine_ls_shell.pdbx_refine_id                   'X-RAY DIFFRACTION' 
_refine_ls_shell.d_res_high                       2.000 
_refine_ls_shell.d_res_low                        2.052 
_refine_ls_shell.number_reflns_all                ? 
_refine_ls_shell.number_reflns_obs                ? 
_refine_ls_shell.number_reflns_R_free             17 
_refine_ls_shell.number_reflns_R_work             335 
_refine_ls_shell.percent_reflns_obs               100.00 
_refine_ls_shell.percent_reflns_R_free            ? 
_refine_ls_shell.R_factor_all                     ? 
_refine_ls_shell.R_factor_obs                     ? 
_refine_ls_shell.R_factor_R_free                  0.435 
_refine_ls_shell.R_factor_R_free_error            ? 
_refine_ls_shell.R_factor_R_work                  0.279 
_refine_ls_shell.redundancy_reflns_all            ? 
_refine_ls_shell.redundancy_reflns_obs            ? 
_refine_ls_shell.wR_factor_all                    ? 
_refine_ls_shell.wR_factor_obs                    ? 
_refine_ls_shell.wR_factor_R_free                 ? 
_refine_ls_shell.wR_factor_R_work                 ? 
_refine_ls_shell.pdbx_total_number_of_bins_used   20 
_refine_ls_shell.pdbx_phase_error                 ? 
_refine_ls_shell.pdbx_fsc_work                    ? 
_refine_ls_shell.pdbx_fsc_free                    ? 
# 
_struct.entry_id                     5JU4 
_struct.title                        'Crystal structure of a DNA sequence d(CGTGAATTCACG) at 130K' 
_struct.pdbx_model_details           ? 
_struct.pdbx_formula_weight          ? 
_struct.pdbx_formula_weight_method   ? 
_struct.pdbx_model_type_details      ? 
_struct.pdbx_CASP_flag               N 
# 
_struct_keywords.entry_id        5JU4 
_struct_keywords.text            DNA 
_struct_keywords.pdbx_keywords   DNA 
# 
loop_
_struct_asym.id 
_struct_asym.pdbx_blank_PDB_chainid_flag 
_struct_asym.pdbx_modified 
_struct_asym.entity_id 
_struct_asym.details 
A N N 1 ? 
B N N 1 ? 
C N N 2 ? 
D N N 3 ? 
E N N 4 ? 
F N N 4 ? 
# 
_struct_ref.id                         1 
_struct_ref.db_name                    PDB 
_struct_ref.db_code                    5JU4 
_struct_ref.pdbx_db_accession          5JU4 
_struct_ref.pdbx_db_isoform            ? 
_struct_ref.entity_id                  1 
_struct_ref.pdbx_seq_one_letter_code   ? 
_struct_ref.pdbx_align_begin           1 
# 
loop_
_struct_ref_seq.align_id 
_struct_ref_seq.ref_id 
_struct_ref_seq.pdbx_PDB_id_code 
_struct_ref_seq.pdbx_strand_id 
_struct_ref_seq.seq_align_beg 
_struct_ref_seq.pdbx_seq_align_beg_ins_code 
_struct_ref_seq.seq_align_end 
_struct_ref_seq.pdbx_seq_align_end_ins_code 
_struct_ref_seq.pdbx_db_accession 
_struct_ref_seq.db_align_beg 
_struct_ref_seq.pdbx_db_align_beg_ins_code 
_struct_ref_seq.db_align_end 
_struct_ref_seq.pdbx_db_align_end_ins_code 
_struct_ref_seq.pdbx_auth_seq_align_beg 
_struct_ref_seq.pdbx_auth_seq_align_end 
1 1 5JU4 A 1 ? 12 ? 5JU4 1  ? 12 ? 1  12 
2 1 5JU4 B 1 ? 12 ? 5JU4 13 ? 24 ? 13 24 
# 
_pdbx_struct_assembly.id                   1 
_pdbx_struct_assembly.details              author_and_software_defined_assembly 
_pdbx_struct_assembly.method_details       PISA 
_pdbx_struct_assembly.oligomeric_details   dimeric 
_pdbx_struct_assembly.oligomeric_count     2 
# 
loop_
_pdbx_struct_assembly_prop.biol_id 
_pdbx_struct_assembly_prop.type 
_pdbx_struct_assembly_prop.value 
_pdbx_struct_assembly_prop.details 
1 'ABSA (A^2)' 1380 ? 
1 MORE         -20  ? 
1 'SSA (A^2)'  4500 ? 
# 
_pdbx_struct_assembly_gen.assembly_id       1 
_pdbx_struct_assembly_gen.oper_expression   1 
_pdbx_struct_assembly_gen.asym_id_list      A,B,C,D,E,F 
# 
_pdbx_struct_oper_list.id                   1 
_pdbx_struct_oper_list.type                 'identity operation' 
_pdbx_struct_oper_list.name                 1_555 
_pdbx_struct_oper_list.symmetry_operation   x,y,z 
_pdbx_struct_oper_list.matrix[1][1]         1.0000000000 
_pdbx_struct_oper_list.matrix[1][2]         0.0000000000 
_pdbx_struct_oper_list.matrix[1][3]         0.0000000000 
_pdbx_struct_oper_list.vector[1]            0.0000000000 
_pdbx_struct_oper_list.matrix[2][1]         0.0000000000 
_pdbx_struct_oper_list.matrix[2][2]         1.0000000000 
_pdbx_struct_oper_list.matrix[2][3]         0.0000000000 
_pdbx_struct_oper_list.vector[2]            0.0000000000 
_pdbx_struct_oper_list.matrix[3][1]         0.0000000000 
_pdbx_struct_oper_list.matrix[3][2]         0.0000000000 
_pdbx_struct_oper_list.matrix[3][3]         1.0000000000 
_pdbx_struct_oper_list.vector[3]            0.0000000000 
# 
loop_
_struct_conn.id 
_struct_conn.conn_type_id 
_struct_conn.pdbx_leaving_atom_flag 
_struct_conn.pdbx_PDB_id 
_struct_conn.ptnr1_label_asym_id 
_struct_conn.ptnr1_label_comp_id 
_struct_conn.ptnr1_label_seq_id 
_struct_conn.ptnr1_label_atom_id 
_struct_conn.pdbx_ptnr1_label_alt_id 
_struct_conn.pdbx_ptnr1_PDB_ins_code 
_struct_conn.pdbx_ptnr1_standard_comp_id 
_struct_conn.ptnr1_symmetry 
_struct_conn.ptnr2_label_asym_id 
_struct_conn.ptnr2_label_comp_id 
_struct_conn.ptnr2_label_seq_id 
_struct_conn.ptnr2_label_atom_id 
_struct_conn.pdbx_ptnr2_label_alt_id 
_struct_conn.pdbx_ptnr2_PDB_ins_code 
_struct_conn.ptnr1_auth_asym_id 
_struct_conn.ptnr1_auth_comp_id 
_struct_conn.ptnr1_auth_seq_id 
_struct_conn.ptnr2_auth_asym_id 
_struct_conn.ptnr2_auth_comp_id 
_struct_conn.ptnr2_auth_seq_id 
_struct_conn.ptnr2_symmetry 
_struct_conn.pdbx_ptnr3_label_atom_id 
_struct_conn.pdbx_ptnr3_label_seq_id 
_struct_conn.pdbx_ptnr3_label_comp_id 
_struct_conn.pdbx_ptnr3_label_asym_id 
_struct_conn.pdbx_ptnr3_label_alt_id 
_struct_conn.pdbx_ptnr3_PDB_ins_code 
_struct_conn.details 
_struct_conn.pdbx_dist_value 
_struct_conn.pdbx_value_order 
_struct_conn.pdbx_role 
metalc1  metalc ? ? C MG .  MG ? ? ? 1_555 E HOH .  O  ? ? A MG 101 A HOH 201 1_555 ? ? ? ? ? ? ?            2.372 ? ? 
hydrog1  hydrog ? ? A DC 1  N3 ? ? ? 1_555 B DG  12 N1 ? ? A DC 1   B DG  24  1_555 ? ? ? ? ? ? WATSON-CRICK ?     ? ? 
hydrog2  hydrog ? ? A DC 1  N4 ? ? ? 1_555 B DG  12 O6 ? ? A DC 1   B DG  24  1_555 ? ? ? ? ? ? WATSON-CRICK ?     ? ? 
hydrog3  hydrog ? ? A DC 1  O2 ? ? ? 1_555 B DG  12 N2 ? ? A DC 1   B DG  24  1_555 ? ? ? ? ? ? WATSON-CRICK ?     ? ? 
hydrog4  hydrog ? ? A DG 2  N1 ? ? ? 1_555 B DC  11 N3 ? ? A DG 2   B DC  23  1_555 ? ? ? ? ? ? WATSON-CRICK ?     ? ? 
hydrog5  hydrog ? ? A DG 2  N2 ? ? ? 1_555 B DC  11 O2 ? ? A DG 2   B DC  23  1_555 ? ? ? ? ? ? WATSON-CRICK ?     ? ? 
hydrog6  hydrog ? ? A DG 2  O6 ? ? ? 1_555 B DC  11 N4 ? ? A DG 2   B DC  23  1_555 ? ? ? ? ? ? WATSON-CRICK ?     ? ? 
hydrog7  hydrog ? ? A DT 3  N3 ? ? ? 1_555 B DA  10 N1 ? ? A DT 3   B DA  22  1_555 ? ? ? ? ? ? WATSON-CRICK ?     ? ? 
hydrog8  hydrog ? ? A DT 3  O4 ? ? ? 1_555 B DA  10 N6 ? ? A DT 3   B DA  22  1_555 ? ? ? ? ? ? WATSON-CRICK ?     ? ? 
hydrog9  hydrog ? ? A DG 4  N1 ? ? ? 1_555 B DC  9  N3 ? ? A DG 4   B DC  21  1_555 ? ? ? ? ? ? WATSON-CRICK ?     ? ? 
hydrog10 hydrog ? ? A DG 4  N2 ? ? ? 1_555 B DC  9  O2 ? ? A DG 4   B DC  21  1_555 ? ? ? ? ? ? WATSON-CRICK ?     ? ? 
hydrog11 hydrog ? ? A DG 4  O6 ? ? ? 1_555 B DC  9  N4 ? ? A DG 4   B DC  21  1_555 ? ? ? ? ? ? WATSON-CRICK ?     ? ? 
hydrog12 hydrog ? ? A DA 5  N1 ? ? ? 1_555 B DT  8  N3 ? ? A DA 5   B DT  20  1_555 ? ? ? ? ? ? WATSON-CRICK ?     ? ? 
hydrog13 hydrog ? ? A DA 5  N6 ? ? ? 1_555 B DT  8  O4 ? ? A DA 5   B DT  20  1_555 ? ? ? ? ? ? WATSON-CRICK ?     ? ? 
hydrog14 hydrog ? ? A DA 6  N1 ? ? ? 1_555 B DT  7  N3 ? ? A DA 6   B DT  19  1_555 ? ? ? ? ? ? WATSON-CRICK ?     ? ? 
hydrog15 hydrog ? ? A DA 6  N6 ? ? ? 1_555 B DT  7  O4 ? ? A DA 6   B DT  19  1_555 ? ? ? ? ? ? WATSON-CRICK ?     ? ? 
hydrog16 hydrog ? ? A DT 7  N3 ? ? ? 1_555 B DA  6  N1 ? ? A DT 7   B DA  18  1_555 ? ? ? ? ? ? WATSON-CRICK ?     ? ? 
hydrog17 hydrog ? ? A DT 7  O4 ? ? ? 1_555 B DA  6  N6 ? ? A DT 7   B DA  18  1_555 ? ? ? ? ? ? WATSON-CRICK ?     ? ? 
hydrog18 hydrog ? ? A DT 8  N3 ? ? ? 1_555 B DA  5  N1 ? ? A DT 8   B DA  17  1_555 ? ? ? ? ? ? WATSON-CRICK ?     ? ? 
hydrog19 hydrog ? ? A DT 8  O4 ? ? ? 1_555 B DA  5  N6 ? ? A DT 8   B DA  17  1_555 ? ? ? ? ? ? WATSON-CRICK ?     ? ? 
hydrog20 hydrog ? ? A DC 9  N3 ? ? ? 1_555 B DG  4  N1 ? ? A DC 9   B DG  16  1_555 ? ? ? ? ? ? WATSON-CRICK ?     ? ? 
hydrog21 hydrog ? ? A DC 9  N4 ? ? ? 1_555 B DG  4  O6 ? ? A DC 9   B DG  16  1_555 ? ? ? ? ? ? WATSON-CRICK ?     ? ? 
hydrog22 hydrog ? ? A DC 9  O2 ? ? ? 1_555 B DG  4  N2 ? ? A DC 9   B DG  16  1_555 ? ? ? ? ? ? WATSON-CRICK ?     ? ? 
hydrog23 hydrog ? ? A DA 10 N1 ? ? ? 1_555 B DT  3  N3 ? ? A DA 10  B DT  15  1_555 ? ? ? ? ? ? WATSON-CRICK ?     ? ? 
hydrog24 hydrog ? ? A DA 10 N6 ? ? ? 1_555 B DT  3  O4 ? ? A DA 10  B DT  15  1_555 ? ? ? ? ? ? WATSON-CRICK ?     ? ? 
hydrog25 hydrog ? ? A DC 11 N3 ? ? ? 1_555 B DG  2  N1 ? ? A DC 11  B DG  14  1_555 ? ? ? ? ? ? WATSON-CRICK ?     ? ? 
hydrog26 hydrog ? ? A DC 11 N4 ? ? ? 1_555 B DG  2  O6 ? ? A DC 11  B DG  14  1_555 ? ? ? ? ? ? WATSON-CRICK ?     ? ? 
hydrog27 hydrog ? ? A DC 11 O2 ? ? ? 1_555 B DG  2  N2 ? ? A DC 11  B DG  14  1_555 ? ? ? ? ? ? WATSON-CRICK ?     ? ? 
hydrog28 hydrog ? ? A DG 12 N1 ? ? ? 1_555 B DC  1  N3 ? ? A DG 12  B DC  13  1_555 ? ? ? ? ? ? WATSON-CRICK ?     ? ? 
hydrog29 hydrog ? ? A DG 12 N2 ? ? ? 1_555 B DC  1  O2 ? ? A DG 12  B DC  13  1_555 ? ? ? ? ? ? WATSON-CRICK ?     ? ? 
hydrog30 hydrog ? ? A DG 12 O6 ? ? ? 1_555 B DC  1  N4 ? ? A DG 12  B DC  13  1_555 ? ? ? ? ? ? WATSON-CRICK ?     ? ? 
# 
loop_
_struct_conn_type.id 
_struct_conn_type.criteria 
_struct_conn_type.reference 
metalc ? ? 
hydrog ? ? 
# 
loop_
_struct_site.id 
_struct_site.pdbx_evidence_code 
_struct_site.pdbx_auth_asym_id 
_struct_site.pdbx_auth_comp_id 
_struct_site.pdbx_auth_seq_id 
_struct_site.pdbx_auth_ins_code 
_struct_site.pdbx_num_residues 
_struct_site.details 
AC1 Software A MG 101 ? 3 'binding site for residue MG A 101' 
AC2 Software A CL 102 ? 5 'binding site for residue CL A 102' 
# 
loop_
_struct_site_gen.id 
_struct_site_gen.site_id 
_struct_site_gen.pdbx_num_res 
_struct_site_gen.label_comp_id 
_struct_site_gen.label_asym_id 
_struct_site_gen.label_seq_id 
_struct_site_gen.pdbx_auth_ins_code 
_struct_site_gen.auth_comp_id 
_struct_site_gen.auth_asym_id 
_struct_site_gen.auth_seq_id 
_struct_site_gen.label_atom_id 
_struct_site_gen.label_alt_id 
_struct_site_gen.symmetry 
_struct_site_gen.details 
1 AC1 3 DT  A 7 ? DT  A 7   . ? 3_755 ? 
2 AC1 3 CL  D . ? CL  A 102 . ? 1_555 ? 
3 AC1 3 HOH E . ? HOH A 201 . ? 1_555 ? 
4 AC2 5 DC  A 1 ? DC  A 1   . ? 1_555 ? 
5 AC2 5 DG  A 2 ? DG  A 2   . ? 1_555 ? 
6 AC2 5 MG  C . ? MG  A 101 . ? 1_555 ? 
7 AC2 5 HOH E . ? HOH A 201 . ? 1_555 ? 
8 AC2 5 HOH F . ? HOH B 101 . ? 1_555 ? 
# 
loop_
_chem_comp_atom.comp_id 
_chem_comp_atom.atom_id 
_chem_comp_atom.type_symbol 
_chem_comp_atom.pdbx_aromatic_flag 
_chem_comp_atom.pdbx_stereo_config 
_chem_comp_atom.pdbx_ordinal 
CL  CL     CL N N 1   
DA  OP3    O  N N 2   
DA  P      P  N N 3   
DA  OP1    O  N N 4   
DA  OP2    O  N N 5   
DA  "O5'"  O  N N 6   
DA  "C5'"  C  N N 7   
DA  "C4'"  C  N R 8   
DA  "O4'"  O  N N 9   
DA  "C3'"  C  N S 10  
DA  "O3'"  O  N N 11  
DA  "C2'"  C  N N 12  
DA  "C1'"  C  N R 13  
DA  N9     N  Y N 14  
DA  C8     C  Y N 15  
DA  N7     N  Y N 16  
DA  C5     C  Y N 17  
DA  C6     C  Y N 18  
DA  N6     N  N N 19  
DA  N1     N  Y N 20  
DA  C2     C  Y N 21  
DA  N3     N  Y N 22  
DA  C4     C  Y N 23  
DA  HOP3   H  N N 24  
DA  HOP2   H  N N 25  
DA  "H5'"  H  N N 26  
DA  "H5''" H  N N 27  
DA  "H4'"  H  N N 28  
DA  "H3'"  H  N N 29  
DA  "HO3'" H  N N 30  
DA  "H2'"  H  N N 31  
DA  "H2''" H  N N 32  
DA  "H1'"  H  N N 33  
DA  H8     H  N N 34  
DA  H61    H  N N 35  
DA  H62    H  N N 36  
DA  H2     H  N N 37  
DC  OP3    O  N N 38  
DC  P      P  N N 39  
DC  OP1    O  N N 40  
DC  OP2    O  N N 41  
DC  "O5'"  O  N N 42  
DC  "C5'"  C  N N 43  
DC  "C4'"  C  N R 44  
DC  "O4'"  O  N N 45  
DC  "C3'"  C  N S 46  
DC  "O3'"  O  N N 47  
DC  "C2'"  C  N N 48  
DC  "C1'"  C  N R 49  
DC  N1     N  N N 50  
DC  C2     C  N N 51  
DC  O2     O  N N 52  
DC  N3     N  N N 53  
DC  C4     C  N N 54  
DC  N4     N  N N 55  
DC  C5     C  N N 56  
DC  C6     C  N N 57  
DC  HOP3   H  N N 58  
DC  HOP2   H  N N 59  
DC  "H5'"  H  N N 60  
DC  "H5''" H  N N 61  
DC  "H4'"  H  N N 62  
DC  "H3'"  H  N N 63  
DC  "HO3'" H  N N 64  
DC  "H2'"  H  N N 65  
DC  "H2''" H  N N 66  
DC  "H1'"  H  N N 67  
DC  H41    H  N N 68  
DC  H42    H  N N 69  
DC  H5     H  N N 70  
DC  H6     H  N N 71  
DG  OP3    O  N N 72  
DG  P      P  N N 73  
DG  OP1    O  N N 74  
DG  OP2    O  N N 75  
DG  "O5'"  O  N N 76  
DG  "C5'"  C  N N 77  
DG  "C4'"  C  N R 78  
DG  "O4'"  O  N N 79  
DG  "C3'"  C  N S 80  
DG  "O3'"  O  N N 81  
DG  "C2'"  C  N N 82  
DG  "C1'"  C  N R 83  
DG  N9     N  Y N 84  
DG  C8     C  Y N 85  
DG  N7     N  Y N 86  
DG  C5     C  Y N 87  
DG  C6     C  N N 88  
DG  O6     O  N N 89  
DG  N1     N  N N 90  
DG  C2     C  N N 91  
DG  N2     N  N N 92  
DG  N3     N  N N 93  
DG  C4     C  Y N 94  
DG  HOP3   H  N N 95  
DG  HOP2   H  N N 96  
DG  "H5'"  H  N N 97  
DG  "H5''" H  N N 98  
DG  "H4'"  H  N N 99  
DG  "H3'"  H  N N 100 
DG  "HO3'" H  N N 101 
DG  "H2'"  H  N N 102 
DG  "H2''" H  N N 103 
DG  "H1'"  H  N N 104 
DG  H8     H  N N 105 
DG  H1     H  N N 106 
DG  H21    H  N N 107 
DG  H22    H  N N 108 
DT  OP3    O  N N 109 
DT  P      P  N N 110 
DT  OP1    O  N N 111 
DT  OP2    O  N N 112 
DT  "O5'"  O  N N 113 
DT  "C5'"  C  N N 114 
DT  "C4'"  C  N R 115 
DT  "O4'"  O  N N 116 
DT  "C3'"  C  N S 117 
DT  "O3'"  O  N N 118 
DT  "C2'"  C  N N 119 
DT  "C1'"  C  N R 120 
DT  N1     N  N N 121 
DT  C2     C  N N 122 
DT  O2     O  N N 123 
DT  N3     N  N N 124 
DT  C4     C  N N 125 
DT  O4     O  N N 126 
DT  C5     C  N N 127 
DT  C7     C  N N 128 
DT  C6     C  N N 129 
DT  HOP3   H  N N 130 
DT  HOP2   H  N N 131 
DT  "H5'"  H  N N 132 
DT  "H5''" H  N N 133 
DT  "H4'"  H  N N 134 
DT  "H3'"  H  N N 135 
DT  "HO3'" H  N N 136 
DT  "H2'"  H  N N 137 
DT  "H2''" H  N N 138 
DT  "H1'"  H  N N 139 
DT  H3     H  N N 140 
DT  H71    H  N N 141 
DT  H72    H  N N 142 
DT  H73    H  N N 143 
DT  H6     H  N N 144 
HOH O      O  N N 145 
HOH H1     H  N N 146 
HOH H2     H  N N 147 
MG  MG     MG N N 148 
# 
loop_
_chem_comp_bond.comp_id 
_chem_comp_bond.atom_id_1 
_chem_comp_bond.atom_id_2 
_chem_comp_bond.value_order 
_chem_comp_bond.pdbx_aromatic_flag 
_chem_comp_bond.pdbx_stereo_config 
_chem_comp_bond.pdbx_ordinal 
DA  OP3   P      sing N N 1   
DA  OP3   HOP3   sing N N 2   
DA  P     OP1    doub N N 3   
DA  P     OP2    sing N N 4   
DA  P     "O5'"  sing N N 5   
DA  OP2   HOP2   sing N N 6   
DA  "O5'" "C5'"  sing N N 7   
DA  "C5'" "C4'"  sing N N 8   
DA  "C5'" "H5'"  sing N N 9   
DA  "C5'" "H5''" sing N N 10  
DA  "C4'" "O4'"  sing N N 11  
DA  "C4'" "C3'"  sing N N 12  
DA  "C4'" "H4'"  sing N N 13  
DA  "O4'" "C1'"  sing N N 14  
DA  "C3'" "O3'"  sing N N 15  
DA  "C3'" "C2'"  sing N N 16  
DA  "C3'" "H3'"  sing N N 17  
DA  "O3'" "HO3'" sing N N 18  
DA  "C2'" "C1'"  sing N N 19  
DA  "C2'" "H2'"  sing N N 20  
DA  "C2'" "H2''" sing N N 21  
DA  "C1'" N9     sing N N 22  
DA  "C1'" "H1'"  sing N N 23  
DA  N9    C8     sing Y N 24  
DA  N9    C4     sing Y N 25  
DA  C8    N7     doub Y N 26  
DA  C8    H8     sing N N 27  
DA  N7    C5     sing Y N 28  
DA  C5    C6     sing Y N 29  
DA  C5    C4     doub Y N 30  
DA  C6    N6     sing N N 31  
DA  C6    N1     doub Y N 32  
DA  N6    H61    sing N N 33  
DA  N6    H62    sing N N 34  
DA  N1    C2     sing Y N 35  
DA  C2    N3     doub Y N 36  
DA  C2    H2     sing N N 37  
DA  N3    C4     sing Y N 38  
DC  OP3   P      sing N N 39  
DC  OP3   HOP3   sing N N 40  
DC  P     OP1    doub N N 41  
DC  P     OP2    sing N N 42  
DC  P     "O5'"  sing N N 43  
DC  OP2   HOP2   sing N N 44  
DC  "O5'" "C5'"  sing N N 45  
DC  "C5'" "C4'"  sing N N 46  
DC  "C5'" "H5'"  sing N N 47  
DC  "C5'" "H5''" sing N N 48  
DC  "C4'" "O4'"  sing N N 49  
DC  "C4'" "C3'"  sing N N 50  
DC  "C4'" "H4'"  sing N N 51  
DC  "O4'" "C1'"  sing N N 52  
DC  "C3'" "O3'"  sing N N 53  
DC  "C3'" "C2'"  sing N N 54  
DC  "C3'" "H3'"  sing N N 55  
DC  "O3'" "HO3'" sing N N 56  
DC  "C2'" "C1'"  sing N N 57  
DC  "C2'" "H2'"  sing N N 58  
DC  "C2'" "H2''" sing N N 59  
DC  "C1'" N1     sing N N 60  
DC  "C1'" "H1'"  sing N N 61  
DC  N1    C2     sing N N 62  
DC  N1    C6     sing N N 63  
DC  C2    O2     doub N N 64  
DC  C2    N3     sing N N 65  
DC  N3    C4     doub N N 66  
DC  C4    N4     sing N N 67  
DC  C4    C5     sing N N 68  
DC  N4    H41    sing N N 69  
DC  N4    H42    sing N N 70  
DC  C5    C6     doub N N 71  
DC  C5    H5     sing N N 72  
DC  C6    H6     sing N N 73  
DG  OP3   P      sing N N 74  
DG  OP3   HOP3   sing N N 75  
DG  P     OP1    doub N N 76  
DG  P     OP2    sing N N 77  
DG  P     "O5'"  sing N N 78  
DG  OP2   HOP2   sing N N 79  
DG  "O5'" "C5'"  sing N N 80  
DG  "C5'" "C4'"  sing N N 81  
DG  "C5'" "H5'"  sing N N 82  
DG  "C5'" "H5''" sing N N 83  
DG  "C4'" "O4'"  sing N N 84  
DG  "C4'" "C3'"  sing N N 85  
DG  "C4'" "H4'"  sing N N 86  
DG  "O4'" "C1'"  sing N N 87  
DG  "C3'" "O3'"  sing N N 88  
DG  "C3'" "C2'"  sing N N 89  
DG  "C3'" "H3'"  sing N N 90  
DG  "O3'" "HO3'" sing N N 91  
DG  "C2'" "C1'"  sing N N 92  
DG  "C2'" "H2'"  sing N N 93  
DG  "C2'" "H2''" sing N N 94  
DG  "C1'" N9     sing N N 95  
DG  "C1'" "H1'"  sing N N 96  
DG  N9    C8     sing Y N 97  
DG  N9    C4     sing Y N 98  
DG  C8    N7     doub Y N 99  
DG  C8    H8     sing N N 100 
DG  N7    C5     sing Y N 101 
DG  C5    C6     sing N N 102 
DG  C5    C4     doub Y N 103 
DG  C6    O6     doub N N 104 
DG  C6    N1     sing N N 105 
DG  N1    C2     sing N N 106 
DG  N1    H1     sing N N 107 
DG  C2    N2     sing N N 108 
DG  C2    N3     doub N N 109 
DG  N2    H21    sing N N 110 
DG  N2    H22    sing N N 111 
DG  N3    C4     sing N N 112 
DT  OP3   P      sing N N 113 
DT  OP3   HOP3   sing N N 114 
DT  P     OP1    doub N N 115 
DT  P     OP2    sing N N 116 
DT  P     "O5'"  sing N N 117 
DT  OP2   HOP2   sing N N 118 
DT  "O5'" "C5'"  sing N N 119 
DT  "C5'" "C4'"  sing N N 120 
DT  "C5'" "H5'"  sing N N 121 
DT  "C5'" "H5''" sing N N 122 
DT  "C4'" "O4'"  sing N N 123 
DT  "C4'" "C3'"  sing N N 124 
DT  "C4'" "H4'"  sing N N 125 
DT  "O4'" "C1'"  sing N N 126 
DT  "C3'" "O3'"  sing N N 127 
DT  "C3'" "C2'"  sing N N 128 
DT  "C3'" "H3'"  sing N N 129 
DT  "O3'" "HO3'" sing N N 130 
DT  "C2'" "C1'"  sing N N 131 
DT  "C2'" "H2'"  sing N N 132 
DT  "C2'" "H2''" sing N N 133 
DT  "C1'" N1     sing N N 134 
DT  "C1'" "H1'"  sing N N 135 
DT  N1    C2     sing N N 136 
DT  N1    C6     sing N N 137 
DT  C2    O2     doub N N 138 
DT  C2    N3     sing N N 139 
DT  N3    C4     sing N N 140 
DT  N3    H3     sing N N 141 
DT  C4    O4     doub N N 142 
DT  C4    C5     sing N N 143 
DT  C5    C7     sing N N 144 
DT  C5    C6     doub N N 145 
DT  C7    H71    sing N N 146 
DT  C7    H72    sing N N 147 
DT  C7    H73    sing N N 148 
DT  C6    H6     sing N N 149 
HOH O     H1     sing N N 150 
HOH O     H2     sing N N 151 
# 
_ndb_struct_conf_na.entry_id   5JU4 
_ndb_struct_conf_na.feature    'b-form double helix' 
# 
loop_
_ndb_struct_na_base_pair.model_number 
_ndb_struct_na_base_pair.i_label_asym_id 
_ndb_struct_na_base_pair.i_label_comp_id 
_ndb_struct_na_base_pair.i_label_seq_id 
_ndb_struct_na_base_pair.i_symmetry 
_ndb_struct_na_base_pair.j_label_asym_id 
_ndb_struct_na_base_pair.j_label_comp_id 
_ndb_struct_na_base_pair.j_label_seq_id 
_ndb_struct_na_base_pair.j_symmetry 
_ndb_struct_na_base_pair.shear 
_ndb_struct_na_base_pair.stretch 
_ndb_struct_na_base_pair.stagger 
_ndb_struct_na_base_pair.buckle 
_ndb_struct_na_base_pair.propeller 
_ndb_struct_na_base_pair.opening 
_ndb_struct_na_base_pair.pair_number 
_ndb_struct_na_base_pair.pair_name 
_ndb_struct_na_base_pair.i_auth_asym_id 
_ndb_struct_na_base_pair.i_auth_seq_id 
_ndb_struct_na_base_pair.i_PDB_ins_code 
_ndb_struct_na_base_pair.j_auth_asym_id 
_ndb_struct_na_base_pair.j_auth_seq_id 
_ndb_struct_na_base_pair.j_PDB_ins_code 
_ndb_struct_na_base_pair.hbond_type_28 
_ndb_struct_na_base_pair.hbond_type_12 
1 A DC 1  1_555 B DG 12 1_555 0.391  -0.217 -0.132 4.977   -10.252 0.450  1  A_DC1:DG24_B  A 1  ? B 24 ? 19 1 
1 A DG 2  1_555 B DC 11 1_555 -0.320 -0.310 -0.042 -4.245  -3.119  -6.140 2  A_DG2:DC23_B  A 2  ? B 23 ? 19 1 
1 A DT 3  1_555 B DA 10 1_555 -0.304 -0.069 -0.273 4.590   -6.301  -2.781 3  A_DT3:DA22_B  A 3  ? B 22 ? 20 1 
1 A DG 4  1_555 B DC 9  1_555 -0.484 -0.181 -0.068 10.074  -5.617  0.624  4  A_DG4:DC21_B  A 4  ? B 21 ? 19 1 
1 A DA 5  1_555 B DT 8  1_555 0.132  -0.054 -0.124 8.063   -11.917 2.009  5  A_DA5:DT20_B  A 5  ? B 20 ? 20 1 
1 A DA 6  1_555 B DT 7  1_555 -0.079 -0.117 0.094  2.997   -17.088 3.605  6  A_DA6:DT19_B  A 6  ? B 19 ? 20 1 
1 A DT 7  1_555 B DA 6  1_555 -0.017 -0.030 0.085  -0.627  -15.281 1.787  7  A_DT7:DA18_B  A 7  ? B 18 ? 20 1 
1 A DT 8  1_555 B DA 5  1_555 0.015  -0.113 0.092  -3.970  -15.319 3.824  8  A_DT8:DA17_B  A 8  ? B 17 ? 20 1 
1 A DC 9  1_555 B DG 4  1_555 0.261  -0.059 0.087  -15.168 -12.225 -0.489 9  A_DC9:DG16_B  A 9  ? B 16 ? 19 1 
1 A DA 10 1_555 B DT 3  1_555 -0.075 -0.223 0.164  -0.051  -6.922  3.787  10 A_DA10:DT15_B A 10 ? B 15 ? 20 1 
1 A DC 11 1_555 B DG 2  1_555 0.038  -0.079 0.149  1.790   -16.793 0.092  11 A_DC11:DG14_B A 11 ? B 14 ? 19 1 
1 A DG 12 1_555 B DC 1  1_555 -0.193 -0.163 -0.055 10.351  16.461  -4.389 12 A_DG12:DC13_B A 12 ? B 13 ? 19 1 
# 
loop_
_ndb_struct_na_base_pair_step.model_number 
_ndb_struct_na_base_pair_step.i_label_asym_id_1 
_ndb_struct_na_base_pair_step.i_label_comp_id_1 
_ndb_struct_na_base_pair_step.i_label_seq_id_1 
_ndb_struct_na_base_pair_step.i_symmetry_1 
_ndb_struct_na_base_pair_step.j_label_asym_id_1 
_ndb_struct_na_base_pair_step.j_label_comp_id_1 
_ndb_struct_na_base_pair_step.j_label_seq_id_1 
_ndb_struct_na_base_pair_step.j_symmetry_1 
_ndb_struct_na_base_pair_step.i_label_asym_id_2 
_ndb_struct_na_base_pair_step.i_label_comp_id_2 
_ndb_struct_na_base_pair_step.i_label_seq_id_2 
_ndb_struct_na_base_pair_step.i_symmetry_2 
_ndb_struct_na_base_pair_step.j_label_asym_id_2 
_ndb_struct_na_base_pair_step.j_label_comp_id_2 
_ndb_struct_na_base_pair_step.j_label_seq_id_2 
_ndb_struct_na_base_pair_step.j_symmetry_2 
_ndb_struct_na_base_pair_step.shift 
_ndb_struct_na_base_pair_step.slide 
_ndb_struct_na_base_pair_step.rise 
_ndb_struct_na_base_pair_step.tilt 
_ndb_struct_na_base_pair_step.roll 
_ndb_struct_na_base_pair_step.twist 
_ndb_struct_na_base_pair_step.x_displacement 
_ndb_struct_na_base_pair_step.y_displacement 
_ndb_struct_na_base_pair_step.helical_rise 
_ndb_struct_na_base_pair_step.inclination 
_ndb_struct_na_base_pair_step.tip 
_ndb_struct_na_base_pair_step.helical_twist 
_ndb_struct_na_base_pair_step.step_number 
_ndb_struct_na_base_pair_step.step_name 
_ndb_struct_na_base_pair_step.i_auth_asym_id_1 
_ndb_struct_na_base_pair_step.i_auth_seq_id_1 
_ndb_struct_na_base_pair_step.i_PDB_ins_code_1 
_ndb_struct_na_base_pair_step.j_auth_asym_id_1 
_ndb_struct_na_base_pair_step.j_auth_seq_id_1 
_ndb_struct_na_base_pair_step.j_PDB_ins_code_1 
_ndb_struct_na_base_pair_step.i_auth_asym_id_2 
_ndb_struct_na_base_pair_step.i_auth_seq_id_2 
_ndb_struct_na_base_pair_step.i_PDB_ins_code_2 
_ndb_struct_na_base_pair_step.j_auth_asym_id_2 
_ndb_struct_na_base_pair_step.j_auth_seq_id_2 
_ndb_struct_na_base_pair_step.j_PDB_ins_code_2 
1 A DC 1  1_555 B DG 12 1_555 A DG 2  1_555 B DC 11 1_555 -0.454 0.092  3.505 -2.371 4.082  38.408 -0.401 0.371  3.517 6.176   
3.588  38.686 1  AA_DC1DG2:DC23DG24_BB   A 1  ? B 24 ? A 2  ? B 23 ? 
1 A DG 2  1_555 B DC 11 1_555 A DT 3  1_555 B DA 10 1_555 -0.152 -0.152 3.125 1.526  3.603  28.311 -1.087 0.639  3.070 7.323   
-3.102 28.575 2  AA_DG2DT3:DA22DC23_BB   A 2  ? B 23 ? A 3  ? B 22 ? 
1 A DT 3  1_555 B DA 10 1_555 A DG 4  1_555 B DC 9  1_555 0.109  0.343  3.365 -2.639 5.566  33.672 -0.326 -0.616 3.359 9.509   
4.508  34.215 3  AA_DT3DG4:DC21DA22_BB   A 3  ? B 22 ? A 4  ? B 21 ? 
1 A DG 4  1_555 B DC 9  1_555 A DA 5  1_555 B DT 8  1_555 -0.206 0.070  3.343 0.987  3.427  37.719 -0.341 0.446  3.330 5.287   
-1.522 37.882 4  AA_DG4DA5:DT20DC21_BB   A 4  ? B 21 ? A 5  ? B 20 ? 
1 A DA 5  1_555 B DT 8  1_555 A DA 6  1_555 B DT 7  1_555 -0.061 -0.250 3.269 -2.606 0.794  35.750 -0.519 -0.274 3.259 1.291   
4.238  35.850 5  AA_DA5DA6:DT19DT20_BB   A 5  ? B 20 ? A 6  ? B 19 ? 
1 A DA 6  1_555 B DT 7  1_555 A DT 7  1_555 B DA 6  1_555 0.059  -0.565 3.292 0.342  -2.364 34.112 -0.583 -0.045 3.323 -4.023  
-0.583 34.193 6  AA_DA6DT7:DA18DT19_BB   A 6  ? B 19 ? A 7  ? B 18 ? 
1 A DT 7  1_555 B DA 6  1_555 A DT 8  1_555 B DA 5  1_555 -0.013 -0.347 3.228 1.801  -0.860 35.443 -0.445 0.281  3.231 -1.411  
-2.955 35.497 7  AA_DT7DT8:DA17DA18_BB   A 7  ? B 18 ? A 8  ? B 17 ? 
1 A DT 8  1_555 B DA 5  1_555 A DC 9  1_555 B DG 4  1_555 -0.278 -0.149 3.443 1.418  0.312  43.112 -0.235 0.524  3.432 0.425   
-1.929 43.135 8  AA_DT8DC9:DG16DA17_BB   A 8  ? B 17 ? A 9  ? B 16 ? 
1 A DC 9  1_555 B DG 4  1_555 A DA 10 1_555 B DT 3  1_555 0.535  0.978  3.017 -2.759 3.121  27.237 1.344  -1.751 3.039 6.578   
5.816  27.548 9  AA_DC9DA10:DT15DG16_BB  A 9  ? B 16 ? A 10 ? B 15 ? 
1 A DA 10 1_555 B DT 3  1_555 A DC 11 1_555 B DG 2  1_555 -1.152 0.927  3.287 -2.033 -9.020 44.905 1.965  1.306  3.101 -11.663 
2.629  45.799 10 AA_DA10DC11:DG14DT15_BB A 10 ? B 15 ? A 11 ? B 14 ? 
1 A DC 11 1_555 B DG 2  1_555 A DG 12 1_555 B DC 1  1_555 0.964  0.797  3.329 0.806  -7.244 34.002 2.439  -1.490 3.120 -12.214 
-1.359 34.752 11 AA_DC11DG12:DC13DG14_BB A 11 ? B 14 ? A 12 ? B 13 ? 
# 
_pdbx_audit_support.funding_organization   NSFB 
_pdbx_audit_support.country                Bulgaria 
_pdbx_audit_support.grant_number           T0214 
_pdbx_audit_support.ordinal                1 
# 
_pdbx_initial_refinement_model.id               1 
_pdbx_initial_refinement_model.entity_id_list   ? 
_pdbx_initial_refinement_model.type             'experimental model' 
_pdbx_initial_refinement_model.source_name      PDB 
_pdbx_initial_refinement_model.accession_code   1D29 
_pdbx_initial_refinement_model.details          ? 
# 
_atom_sites.entry_id                    5JU4 
_atom_sites.fract_transf_matrix[1][1]   0.00512040 
_atom_sites.fract_transf_matrix[1][2]   0.04024177 
_atom_sites.fract_transf_matrix[1][3]   -0.00446307 
_atom_sites.fract_transf_matrix[2][1]   -0.02331533 
_atom_sites.fract_transf_matrix[2][2]   0.00223354 
_atom_sites.fract_transf_matrix[2][3]   -0.00661030 
_atom_sites.fract_transf_matrix[3][1]   -0.00395476 
_atom_sites.fract_transf_matrix[3][2]   0.00213005 
_atom_sites.fract_transf_matrix[3][3]   0.01466864 
_atom_sites.fract_transf_vector[1]      1.082997 
_atom_sites.fract_transf_vector[2]      1.012156 
_atom_sites.fract_transf_vector[3]      0.136063 
# 
loop_
_atom_type.symbol 
C  
CL 
MG 
N  
O  
P  
# 
loop_
_atom_site.group_PDB 
_atom_site.id 
_atom_site.type_symbol 
_atom_site.label_atom_id 
_atom_site.label_alt_id 
_atom_site.label_comp_id 
_atom_site.label_asym_id 
_atom_site.label_entity_id 
_atom_site.label_seq_id 
_atom_site.pdbx_PDB_ins_code 
_atom_site.Cartn_x 
_atom_site.Cartn_y 
_atom_site.Cartn_z 
_atom_site.occupancy 
_atom_site.B_iso_or_equiv 
_atom_site.pdbx_formal_charge 
_atom_site.auth_seq_id 
_atom_site.auth_comp_id 
_atom_site.auth_asym_id 
_atom_site.auth_atom_id 
_atom_site.pdbx_PDB_model_num 
ATOM   1   O  "O5'" . DC  A 1 1  ? -16.163 8.958   9.970   1.00 35.72 ? 1   DC  A "O5'" 1 
ATOM   2   C  "C5'" . DC  A 1 1  ? -15.240 8.009   10.435  1.00 33.91 ? 1   DC  A "C5'" 1 
ATOM   3   C  "C4'" . DC  A 1 1  ? -13.891 8.669   10.579  1.00 34.48 ? 1   DC  A "C4'" 1 
ATOM   4   O  "O4'" . DC  A 1 1  ? -13.163 7.924   11.575  1.00 28.97 ? 1   DC  A "O4'" 1 
ATOM   5   C  "C3'" . DC  A 1 1  ? -13.011 8.647   9.329   1.00 33.49 ? 1   DC  A "C3'" 1 
ATOM   6   O  "O3'" . DC  A 1 1  ? -12.169 9.802   9.359   1.00 43.01 ? 1   DC  A "O3'" 1 
ATOM   7   C  "C2'" . DC  A 1 1  ? -12.182 7.399   9.536   1.00 36.08 ? 1   DC  A "C2'" 1 
ATOM   8   C  "C1'" . DC  A 1 1  ? -11.949 7.481   11.037  1.00 27.93 ? 1   DC  A "C1'" 1 
ATOM   9   N  N1    . DC  A 1 1  ? -11.582 6.255   11.733  1.00 27.38 ? 1   DC  A N1    1 
ATOM   10  C  C2    . DC  A 1 1  ? -10.606 6.304   12.751  1.00 30.24 ? 1   DC  A C2    1 
ATOM   11  O  O2    . DC  A 1 1  ? -10.057 7.397   13.021  1.00 30.87 ? 1   DC  A O2    1 
ATOM   12  N  N3    . DC  A 1 1  ? -10.275 5.160   13.396  1.00 28.49 ? 1   DC  A N3    1 
ATOM   13  C  C4    . DC  A 1 1  ? -10.869 4.009   13.061  1.00 26.97 ? 1   DC  A C4    1 
ATOM   14  N  N4    . DC  A 1 1  ? -10.497 2.906   13.701  1.00 27.84 ? 1   DC  A N4    1 
ATOM   15  C  C5    . DC  A 1 1  ? -11.882 3.944   12.060  1.00 27.42 ? 1   DC  A C5    1 
ATOM   16  C  C6    . DC  A 1 1  ? -12.218 5.078   11.444  1.00 27.43 ? 1   DC  A C6    1 
ATOM   17  P  P     . DG  A 1 2  ? -11.676 10.507  8.017   1.00 49.22 ? 2   DG  A P     1 
ATOM   18  O  OP1   . DG  A 1 2  ? -12.525 11.701  7.828   1.00 54.87 ? 2   DG  A OP1   1 
ATOM   19  O  OP2   . DG  A 1 2  ? -11.501 9.474   6.947   1.00 42.56 ? 2   DG  A OP2   1 
ATOM   20  O  "O5'" . DG  A 1 2  ? -10.201 10.964  8.377   1.00 49.08 ? 2   DG  A "O5'" 1 
ATOM   21  C  "C5'" . DG  A 1 2  ? -9.908  11.534  9.652   1.00 43.54 ? 2   DG  A "C5'" 1 
ATOM   22  C  "C4'" . DG  A 1 2  ? -8.426  11.420  9.904   1.00 38.49 ? 2   DG  A "C4'" 1 
ATOM   23  O  "O4'" . DG  A 1 2  ? -8.175  10.218  10.655  1.00 37.29 ? 2   DG  A "O4'" 1 
ATOM   24  C  "C3'" . DG  A 1 2  ? -7.558  11.338  8.643   1.00 36.45 ? 2   DG  A "C3'" 1 
ATOM   25  O  "O3'" . DG  A 1 2  ? -6.408  12.179  8.677   1.00 33.83 ? 2   DG  A "O3'" 1 
ATOM   26  C  "C2'" . DG  A 1 2  ? -7.116  9.892   8.597   1.00 33.86 ? 2   DG  A "C2'" 1 
ATOM   27  C  "C1'" . DG  A 1 2  ? -7.139  9.464   10.041  1.00 34.13 ? 2   DG  A "C1'" 1 
ATOM   28  N  N9    . DG  A 1 2  ? -7.484  8.056   10.186  1.00 30.60 ? 2   DG  A N9    1 
ATOM   29  C  C8    . DG  A 1 2  ? -8.536  7.402   9.588   1.00 25.95 ? 2   DG  A C8    1 
ATOM   30  N  N7    . DG  A 1 2  ? -8.633  6.149   9.953   1.00 25.20 ? 2   DG  A N7    1 
ATOM   31  C  C5    . DG  A 1 2  ? -7.597  5.974   10.860  1.00 24.26 ? 2   DG  A C5    1 
ATOM   32  C  C6    . DG  A 1 2  ? -7.178  4.819   11.546  1.00 25.69 ? 2   DG  A C6    1 
ATOM   33  O  O6    . DG  A 1 2  ? -7.668  3.684   11.500  1.00 24.86 ? 2   DG  A O6    1 
ATOM   34  N  N1    . DG  A 1 2  ? -6.052  5.066   12.335  1.00 23.60 ? 2   DG  A N1    1 
ATOM   35  C  C2    . DG  A 1 2  ? -5.410  6.275   12.435  1.00 24.98 ? 2   DG  A C2    1 
ATOM   36  N  N2    . DG  A 1 2  ? -4.351  6.334   13.262  1.00 21.66 ? 2   DG  A N2    1 
ATOM   37  N  N3    . DG  A 1 2  ? -5.779  7.360   11.770  1.00 27.36 ? 2   DG  A N3    1 
ATOM   38  C  C4    . DG  A 1 2  ? -6.865  7.135   10.999  1.00 26.17 ? 2   DG  A C4    1 
ATOM   39  P  P     . DT  A 1 3  ? -5.402  12.228  7.415   1.00 37.90 ? 3   DT  A P     1 
ATOM   40  O  OP1   . DT  A 1 3  ? -5.065  13.646  7.183   1.00 48.27 ? 3   DT  A OP1   1 
ATOM   41  O  OP2   . DT  A 1 3  ? -5.883  11.365  6.319   1.00 42.24 ? 3   DT  A OP2   1 
ATOM   42  O  "O5'" . DT  A 1 3  ? -4.117  11.435  7.930   1.00 30.22 ? 3   DT  A "O5'" 1 
ATOM   43  C  "C5'" . DT  A 1 3  ? -3.503  11.831  9.145   1.00 30.59 ? 3   DT  A "C5'" 1 
ATOM   44  C  "C4'" . DT  A 1 3  ? -2.470  10.806  9.525   1.00 29.49 ? 3   DT  A "C4'" 1 
ATOM   45  O  "O4'" . DT  A 1 3  ? -3.149  9.563   9.760   1.00 30.39 ? 3   DT  A "O4'" 1 
ATOM   46  C  "C3'" . DT  A 1 3  ? -1.451  10.554  8.418   1.00 31.40 ? 3   DT  A "C3'" 1 
ATOM   47  O  "O3'" . DT  A 1 3  ? -0.172  10.766  8.991   1.00 35.90 ? 3   DT  A "O3'" 1 
ATOM   48  C  "C2'" . DT  A 1 3  ? -1.755  9.141   7.950   1.00 32.52 ? 3   DT  A "C2'" 1 
ATOM   49  C  "C1'" . DT  A 1 3  ? -2.424  8.522   9.150   1.00 30.14 ? 3   DT  A "C1'" 1 
ATOM   50  N  N1    . DT  A 1 3  ? -3.354  7.424   8.895   1.00 29.90 ? 3   DT  A N1    1 
ATOM   51  C  C2    . DT  A 1 3  ? -3.222  6.276   9.652   1.00 28.08 ? 3   DT  A C2    1 
ATOM   52  O  O2    . DT  A 1 3  ? -2.326  6.111   10.473  1.00 31.33 ? 3   DT  A O2    1 
ATOM   53  N  N3    . DT  A 1 3  ? -4.165  5.317   9.398   1.00 22.53 ? 3   DT  A N3    1 
ATOM   54  C  C4    . DT  A 1 3  ? -5.186  5.374   8.460   1.00 26.40 ? 3   DT  A C4    1 
ATOM   55  O  O4    . DT  A 1 3  ? -5.938  4.411   8.316   1.00 23.48 ? 3   DT  A O4    1 
ATOM   56  C  C5    . DT  A 1 3  ? -5.298  6.624   7.745   1.00 26.74 ? 3   DT  A C5    1 
ATOM   57  C  C7    . DT  A 1 3  ? -6.358  6.767   6.694   1.00 28.21 ? 3   DT  A C7    1 
ATOM   58  C  C6    . DT  A 1 3  ? -4.391  7.574   7.995   1.00 28.49 ? 3   DT  A C6    1 
ATOM   59  P  P     . DG  A 1 4  ? 1.089   10.708  8.080   1.00 35.32 ? 4   DG  A P     1 
ATOM   60  O  OP1   . DG  A 1 4  ? 2.037   11.719  8.591   1.00 35.78 ? 4   DG  A OP1   1 
ATOM   61  O  OP2   . DG  A 1 4  ? 0.625   10.711  6.693   1.00 37.04 ? 4   DG  A OP2   1 
ATOM   62  O  "O5'" . DG  A 1 4  ? 1.673   9.273   8.402   1.00 34.16 ? 4   DG  A "O5'" 1 
ATOM   63  C  "C5'" . DG  A 1 4  ? 2.091   8.972   9.731   1.00 35.70 ? 4   DG  A "C5'" 1 
ATOM   64  C  "C4'" . DG  A 1 4  ? 2.666   7.582   9.708   1.00 36.31 ? 4   DG  A "C4'" 1 
ATOM   65  O  "O4'" . DG  A 1 4  ? 1.593   6.657   9.476   1.00 34.98 ? 4   DG  A "O4'" 1 
ATOM   66  C  "C3'" . DG  A 1 4  ? 3.681   7.358   8.580   1.00 36.94 ? 4   DG  A "C3'" 1 
ATOM   67  O  "O3'" . DG  A 1 4  ? 4.710   6.610   9.187   1.00 44.05 ? 4   DG  A "O3'" 1 
ATOM   68  C  "C2'" . DG  A 1 4  ? 2.898   6.628   7.506   1.00 36.20 ? 4   DG  A "C2'" 1 
ATOM   69  C  "C1'" . DG  A 1 4  ? 1.861   5.880   8.316   1.00 36.34 ? 4   DG  A "C1'" 1 
ATOM   70  N  N9    . DG  A 1 4  ? 0.590   5.577   7.678   1.00 28.34 ? 4   DG  A N9    1 
ATOM   71  C  C8    . DG  A 1 4  ? -0.143  6.347   6.813   1.00 29.17 ? 4   DG  A C8    1 
ATOM   72  N  N7    . DG  A 1 4  ? -1.266  5.789   6.458   1.00 30.86 ? 4   DG  A N7    1 
ATOM   73  C  C5    . DG  A 1 4  ? -1.256  4.559   7.105   1.00 27.61 ? 4   DG  A C5    1 
ATOM   74  C  C6    . DG  A 1 4  ? -2.203  3.489   7.083   1.00 28.62 ? 4   DG  A C6    1 
ATOM   75  O  O6    . DG  A 1 4  ? -3.267  3.413   6.472   1.00 28.35 ? 4   DG  A O6    1 
ATOM   76  N  N1    . DG  A 1 4  ? -1.779  2.417   7.860   1.00 28.65 ? 4   DG  A N1    1 
ATOM   77  C  C2    . DG  A 1 4  ? -0.599  2.375   8.572   1.00 27.97 ? 4   DG  A C2    1 
ATOM   78  N  N2    . DG  A 1 4  ? -0.374  1.264   9.287   1.00 33.15 ? 4   DG  A N2    1 
ATOM   79  N  N3    . DG  A 1 4  ? 0.257   3.378   8.642   1.00 27.86 ? 4   DG  A N3    1 
ATOM   80  C  C4    . DG  A 1 4  ? -0.108  4.410   7.849   1.00 28.07 ? 4   DG  A C4    1 
ATOM   81  P  P     . DA  A 1 5  ? 5.970   6.075   8.351   1.00 49.15 ? 5   DA  A P     1 
ATOM   82  O  OP1   . DA  A 1 5  ? 7.159   6.301   9.237   1.00 46.93 ? 5   DA  A OP1   1 
ATOM   83  O  OP2   . DA  A 1 5  ? 5.862   6.533   6.939   1.00 48.90 ? 5   DA  A OP2   1 
ATOM   84  O  "O5'" . DA  A 1 5  ? 5.707   4.516   8.256   1.00 38.60 ? 5   DA  A "O5'" 1 
ATOM   85  C  "C5'" . DA  A 1 5  ? 5.539   3.789   9.460   1.00 37.76 ? 5   DA  A "C5'" 1 
ATOM   86  C  "C4'" . DA  A 1 5  ? 5.271   2.354   9.099   1.00 38.52 ? 5   DA  A "C4'" 1 
ATOM   87  O  "O4'" . DA  A 1 5  ? 4.010   2.278   8.405   1.00 33.13 ? 5   DA  A "O4'" 1 
ATOM   88  C  "C3'" . DA  A 1 5  ? 6.312   1.758   8.157   1.00 37.58 ? 5   DA  A "C3'" 1 
ATOM   89  O  "O3'" . DA  A 1 5  ? 6.589   0.479   8.733   1.00 43.96 ? 5   DA  A "O3'" 1 
ATOM   90  C  "C2'" . DA  A 1 5  ? 5.627   1.790   6.803   1.00 37.00 ? 5   DA  A "C2'" 1 
ATOM   91  C  "C1'" . DA  A 1 5  ? 4.162   1.628   7.173   1.00 34.80 ? 5   DA  A "C1'" 1 
ATOM   92  N  N9    . DA  A 1 5  ? 3.169   2.206   6.274   1.00 31.25 ? 5   DA  A N9    1 
ATOM   93  C  C8    . DA  A 1 5  ? 3.127   3.452   5.698   1.00 31.30 ? 5   DA  A C8    1 
ATOM   94  N  N7    . DA  A 1 5  ? 2.016   3.687   5.033   1.00 31.08 ? 5   DA  A N7    1 
ATOM   95  C  C5    . DA  A 1 5  ? 1.258   2.547   5.243   1.00 27.38 ? 5   DA  A C5    1 
ATOM   96  C  C6    . DA  A 1 5  ? -0.013  2.170   4.799   1.00 25.10 ? 5   DA  A C6    1 
ATOM   97  N  N6    . DA  A 1 5  ? -0.759  2.922   4.005   1.00 25.42 ? 5   DA  A N6    1 
ATOM   98  N  N1    . DA  A 1 5  ? -0.450  0.933   5.120   1.00 25.83 ? 5   DA  A N1    1 
ATOM   99  C  C2    . DA  A 1 5  ? 0.308   0.176   5.921   1.00 25.52 ? 5   DA  A C2    1 
ATOM   100 N  N3    . DA  A 1 5  ? 1.517   0.425   6.413   1.00 28.12 ? 5   DA  A N3    1 
ATOM   101 C  C4    . DA  A 1 5  ? 1.938   1.644   6.038   1.00 26.90 ? 5   DA  A C4    1 
ATOM   102 P  P     . DA  A 1 6  ? 7.556   -0.532  7.999   1.00 41.27 ? 6   DA  A P     1 
ATOM   103 O  OP1   . DA  A 1 6  ? 8.281   -1.312  9.054   1.00 37.42 ? 6   DA  A OP1   1 
ATOM   104 O  OP2   . DA  A 1 6  ? 8.279   0.187   6.931   1.00 32.58 ? 6   DA  A OP2   1 
ATOM   105 O  "O5'" . DA  A 1 6  ? 6.514   -1.500  7.301   1.00 32.16 ? 6   DA  A "O5'" 1 
ATOM   106 C  "C5'" . DA  A 1 6  ? 5.690   -2.285  8.160   1.00 30.22 ? 6   DA  A "C5'" 1 
ATOM   107 C  "C4'" . DA  A 1 6  ? 4.864   -3.167  7.271   1.00 27.13 ? 6   DA  A "C4'" 1 
ATOM   108 O  "O4'" . DA  A 1 6  ? 4.045   -2.284  6.494   1.00 25.60 ? 6   DA  A "O4'" 1 
ATOM   109 C  "C3'" . DA  A 1 6  ? 5.691   -3.988  6.266   1.00 25.71 ? 6   DA  A "C3'" 1 
ATOM   110 O  "O3'" . DA  A 1 6  ? 5.270   -5.326  6.518   1.00 31.24 ? 6   DA  A "O3'" 1 
ATOM   111 C  "C2'" . DA  A 1 6  ? 5.338   -3.403  4.904   1.00 24.14 ? 6   DA  A "C2'" 1 
ATOM   112 C  "C1'" . DA  A 1 6  ? 3.999   -2.731  5.156   1.00 23.08 ? 6   DA  A "C1'" 1 
ATOM   113 N  N9    . DA  A 1 6  ? 3.680   -1.566  4.333   1.00 23.53 ? 6   DA  A N9    1 
ATOM   114 C  C8    . DA  A 1 6  ? 4.399   -0.417  4.150   1.00 21.63 ? 6   DA  A C8    1 
ATOM   115 N  N7    . DA  A 1 6  ? 3.776   0.486   3.430   1.00 22.09 ? 6   DA  A N7    1 
ATOM   116 C  C5    . DA  A 1 6  ? 2.574   -0.121  3.104   1.00 22.29 ? 6   DA  A C5    1 
ATOM   117 C  C6    . DA  A 1 6  ? 1.494   0.288   2.309   1.00 18.59 ? 6   DA  A C6    1 
ATOM   118 N  N6    . DA  A 1 6  ? 1.418   1.477   1.744   1.00 19.34 ? 6   DA  A N6    1 
ATOM   119 N  N1    . DA  A 1 6  ? 0.430   -0.535  2.225   1.00 21.78 ? 6   DA  A N1    1 
ATOM   120 C  C2    . DA  A 1 6  ? 0.497   -1.727  2.821   1.00 22.26 ? 6   DA  A C2    1 
ATOM   121 N  N3    . DA  A 1 6  ? 1.461   -2.228  3.584   1.00 20.68 ? 6   DA  A N3    1 
ATOM   122 C  C4    . DA  A 1 6  ? 2.494   -1.376  3.664   1.00 20.26 ? 6   DA  A C4    1 
ATOM   123 P  P     . DT  A 1 7  ? 5.851   -6.572  5.679   1.00 30.77 ? 7   DT  A P     1 
ATOM   124 O  OP1   . DT  A 1 7  ? 5.644   -7.784  6.488   1.00 29.82 ? 7   DT  A OP1   1 
ATOM   125 O  OP2   . DT  A 1 7  ? 7.174   -6.224  5.069   1.00 26.93 ? 7   DT  A OP2   1 
ATOM   126 O  "O5'" . DT  A 1 7  ? 4.797   -6.663  4.483   1.00 27.46 ? 7   DT  A "O5'" 1 
ATOM   127 C  "C5'" . DT  A 1 7  ? 3.435   -7.026  4.745   1.00 27.59 ? 7   DT  A "C5'" 1 
ATOM   128 C  "C4'" . DT  A 1 7  ? 2.634   -6.830  3.479   1.00 25.87 ? 7   DT  A "C4'" 1 
ATOM   129 O  "O4'" . DT  A 1 7  ? 2.729   -5.455  3.050   1.00 25.38 ? 7   DT  A "O4'" 1 
ATOM   130 C  "C3'" . DT  A 1 7  ? 3.119   -7.666  2.293   1.00 26.52 ? 7   DT  A "C3'" 1 
ATOM   131 O  "O3'" . DT  A 1 7  ? 2.100   -8.606  1.994   1.00 27.99 ? 7   DT  A "O3'" 1 
ATOM   132 C  "C2'" . DT  A 1 7  ? 3.353   -6.667  1.168   1.00 27.33 ? 7   DT  A "C2'" 1 
ATOM   133 C  "C1'" . DT  A 1 7  ? 2.579   -5.453  1.638   1.00 25.70 ? 7   DT  A "C1'" 1 
ATOM   134 N  N1    . DT  A 1 7  ? 3.001   -4.122  1.123   1.00 25.48 ? 7   DT  A N1    1 
ATOM   135 C  C2    . DT  A 1 7  ? 2.086   -3.418  0.362   1.00 23.70 ? 7   DT  A C2    1 
ATOM   136 O  O2    . DT  A 1 7  ? 0.976   -3.841  0.083   1.00 23.69 ? 7   DT  A O2    1 
ATOM   137 N  N3    . DT  A 1 7  ? 2.496   -2.172  -0.016  1.00 21.38 ? 7   DT  A N3    1 
ATOM   138 C  C4    . DT  A 1 7  ? 3.720   -1.592  0.223   1.00 21.22 ? 7   DT  A C4    1 
ATOM   139 O  O4    . DT  A 1 7  ? 3.945   -0.496  -0.209  1.00 22.25 ? 7   DT  A O4    1 
ATOM   140 C  C5    . DT  A 1 7  ? 4.656   -2.395  0.987   1.00 21.64 ? 7   DT  A C5    1 
ATOM   141 C  C7    . DT  A 1 7  ? 6.017   -1.843  1.274   1.00 22.61 ? 7   DT  A C7    1 
ATOM   142 C  C6    . DT  A 1 7  ? 4.257   -3.611  1.385   1.00 23.79 ? 7   DT  A C6    1 
ATOM   143 P  P     . DT  A 1 8  ? 2.359   -9.763  0.936   1.00 32.16 ? 8   DT  A P     1 
ATOM   144 O  OP1   . DT  A 1 8  ? 1.571   -10.923 1.368   1.00 33.40 ? 8   DT  A OP1   1 
ATOM   145 O  OP2   . DT  A 1 8  ? 3.801   -9.855  0.687   1.00 30.06 ? 8   DT  A OP2   1 
ATOM   146 O  "O5'" . DT  A 1 8  ? 1.585   -9.221  -0.329  1.00 26.60 ? 8   DT  A "O5'" 1 
ATOM   147 C  "C5'" . DT  A 1 8  ? 0.265   -8.740  -0.091  1.00 27.67 ? 8   DT  A "C5'" 1 
ATOM   148 C  "C4'" . DT  A 1 8  ? -0.279  -8.059  -1.318  1.00 27.19 ? 8   DT  A "C4'" 1 
ATOM   149 O  "O4'" . DT  A 1 8  ? 0.319   -6.763  -1.440  1.00 26.58 ? 8   DT  A "O4'" 1 
ATOM   150 C  "C3'" . DT  A 1 8  ? -0.037  -8.789  -2.640  1.00 30.49 ? 8   DT  A "C3'" 1 
ATOM   151 O  "O3'" . DT  A 1 8  ? -1.334  -8.912  -3.229  1.00 33.63 ? 8   DT  A "O3'" 1 
ATOM   152 C  "C2'" . DT  A 1 8  ? 0.949   -7.892  -3.382  1.00 27.48 ? 8   DT  A "C2'" 1 
ATOM   153 C  "C1'" . DT  A 1 8  ? 0.612   -6.522  -2.810  1.00 26.82 ? 8   DT  A "C1'" 1 
ATOM   154 N  N1    . DT  A 1 8  ? 1.676   -5.491  -2.875  1.00 23.15 ? 8   DT  A N1    1 
ATOM   155 C  C2    . DT  A 1 8  ? 1.411   -4.260  -3.433  1.00 23.54 ? 8   DT  A C2    1 
ATOM   156 O  O2    . DT  A 1 8  ? 0.328   -3.959  -3.912  1.00 24.49 ? 8   DT  A O2    1 
ATOM   157 N  N3    . DT  A 1 8  ? 2.466   -3.377  -3.399  1.00 21.28 ? 8   DT  A N3    1 
ATOM   158 C  C4    . DT  A 1 8  ? 3.736   -3.613  -2.896  1.00 24.87 ? 8   DT  A C4    1 
ATOM   159 O  O4    . DT  A 1 8  ? 4.568   -2.727  -2.919  1.00 21.15 ? 8   DT  A O4    1 
ATOM   160 C  C5    . DT  A 1 8  ? 3.940   -4.921  -2.318  1.00 22.24 ? 8   DT  A C5    1 
ATOM   161 C  C7    . DT  A 1 8  ? 5.287   -5.270  -1.762  1.00 22.96 ? 8   DT  A C7    1 
ATOM   162 C  C6    . DT  A 1 8  ? 2.913   -5.776  -2.324  1.00 23.82 ? 8   DT  A C6    1 
ATOM   163 P  P     . DC  A 1 9  ? -1.508  -9.502  -4.720  1.00 40.37 ? 9   DC  A P     1 
ATOM   164 O  OP1   . DC  A 1 9  ? -2.838  -10.143 -4.836  1.00 44.32 ? 9   DC  A OP1   1 
ATOM   165 O  OP2   . DC  A 1 9  ? -0.277  -10.214 -5.084  1.00 31.78 ? 9   DC  A OP2   1 
ATOM   166 O  "O5'" . DC  A 1 9  ? -1.698  -8.188  -5.590  1.00 36.52 ? 9   DC  A "O5'" 1 
ATOM   167 C  "C5'" . DC  A 1 9  ? -2.761  -7.291  -5.269  1.00 33.71 ? 9   DC  A "C5'" 1 
ATOM   168 C  "C4'" . DC  A 1 9  ? -2.788  -6.178  -6.283  1.00 34.29 ? 9   DC  A "C4'" 1 
ATOM   169 O  "O4'" . DC  A 1 9  ? -1.592  -5.369  -6.209  1.00 32.19 ? 9   DC  A "O4'" 1 
ATOM   170 C  "C3'" . DC  A 1 9  ? -2.883  -6.654  -7.730  1.00 32.19 ? 9   DC  A "C3'" 1 
ATOM   171 O  "O3'" . DC  A 1 9  ? -3.820  -5.773  -8.281  1.00 37.77 ? 9   DC  A "O3'" 1 
ATOM   172 C  "C2'" . DC  A 1 9  ? -1.521  -6.353  -8.334  1.00 31.62 ? 9   DC  A "C2'" 1 
ATOM   173 C  "C1'" . DC  A 1 9  ? -1.042  -5.173  -7.516  1.00 28.82 ? 9   DC  A "C1'" 1 
ATOM   174 N  N1    . DC  A 1 9  ? 0.399   -5.049  -7.321  1.00 25.11 ? 9   DC  A N1    1 
ATOM   175 C  C2    . DC  A 1 9  ? 1.026   -3.807  -7.521  1.00 23.02 ? 9   DC  A C2    1 
ATOM   176 O  O2    . DC  A 1 9  ? 0.386   -2.886  -8.068  1.00 19.46 ? 9   DC  A O2    1 
ATOM   177 N  N3    . DC  A 1 9  ? 2.336   -3.671  -7.187  1.00 20.64 ? 9   DC  A N3    1 
ATOM   178 C  C4    . DC  A 1 9  ? 2.995   -4.699  -6.636  1.00 19.87 ? 9   DC  A C4    1 
ATOM   179 N  N4    . DC  A 1 9  ? 4.271   -4.528  -6.317  1.00 21.11 ? 9   DC  A N4    1 
ATOM   180 C  C5    . DC  A 1 9  ? 2.360   -5.946  -6.366  1.00 22.18 ? 9   DC  A C5    1 
ATOM   181 C  C6    . DC  A 1 9  ? 1.078   -6.078  -6.727  1.00 23.28 ? 9   DC  A C6    1 
ATOM   182 P  P     . DA  A 1 10 ? -4.537  -6.133  -9.645  1.00 38.65 ? 10  DA  A P     1 
ATOM   183 O  OP1   . DA  A 1 10 ? -5.842  -5.456  -9.616  1.00 33.75 ? 10  DA  A OP1   1 
ATOM   184 O  OP2   . DA  A 1 10 ? -4.382  -7.575  -9.927  1.00 31.19 ? 10  DA  A OP2   1 
ATOM   185 O  "O5'" . DA  A 1 10 ? -3.638  -5.377  -10.716 1.00 36.72 ? 10  DA  A "O5'" 1 
ATOM   186 C  "C5'" . DA  A 1 10 ? -3.602  -3.963  -10.721 1.00 33.20 ? 10  DA  A "C5'" 1 
ATOM   187 C  "C4'" . DA  A 1 10 ? -2.537  -3.526  -11.695 1.00 32.31 ? 10  DA  A "C4'" 1 
ATOM   188 O  "O4'" . DA  A 1 10 ? -1.250  -3.771  -11.090 1.00 29.48 ? 10  DA  A "O4'" 1 
ATOM   189 C  "C3'" . DA  A 1 10 ? -2.502  -4.276  -13.031 1.00 33.35 ? 10  DA  A "C3'" 1 
ATOM   190 O  "O3'" . DA  A 1 10 ? -2.081  -3.310  -13.998 1.00 35.72 ? 10  DA  A "O3'" 1 
ATOM   191 C  "C2'" . DA  A 1 10 ? -1.396  -5.290  -12.823 1.00 32.30 ? 10  DA  A "C2'" 1 
ATOM   192 C  "C1'" . DA  A 1 10 ? -0.443  -4.396  -12.056 1.00 27.35 ? 10  DA  A "C1'" 1 
ATOM   193 N  N9    . DA  A 1 10 ? 0.670   -5.023  -11.359 1.00 26.10 ? 10  DA  A N9    1 
ATOM   194 C  C8    . DA  A 1 10 ? 0.830   -6.284  -10.847 1.00 25.24 ? 10  DA  A C8    1 
ATOM   195 N  N7    . DA  A 1 10 ? 1.990   -6.473  -10.266 1.00 25.04 ? 10  DA  A N7    1 
ATOM   196 C  C5    . DA  A 1 10 ? 2.616   -5.241  -10.372 1.00 25.25 ? 10  DA  A C5    1 
ATOM   197 C  C6    . DA  A 1 10 ? 3.866   -4.778  -9.940  1.00 22.78 ? 10  DA  A C6    1 
ATOM   198 N  N6    . DA  A 1 10 ? 4.740   -5.535  -9.283  1.00 22.39 ? 10  DA  A N6    1 
ATOM   199 N  N1    . DA  A 1 10 ? 4.175   -3.487  -10.181 1.00 20.88 ? 10  DA  A N1    1 
ATOM   200 C  C2    . DA  A 1 10 ? 3.301   -2.736  -10.865 1.00 21.62 ? 10  DA  A C2    1 
ATOM   201 N  N3    . DA  A 1 10 ? 2.081   -3.052  -11.294 1.00 18.61 ? 10  DA  A N3    1 
ATOM   202 C  C4    . DA  A 1 10 ? 1.815   -4.343  -11.051 1.00 21.21 ? 10  DA  A C4    1 
ATOM   203 P  P     . DC  A 1 11 ? -3.170  -2.599  -14.970 1.00 42.01 ? 11  DC  A P     1 
ATOM   204 O  OP1   . DC  A 1 11 ? -4.317  -2.143  -14.139 1.00 40.36 ? 11  DC  A OP1   1 
ATOM   205 O  OP2   . DC  A 1 11 ? -3.352  -3.526  -16.140 1.00 36.88 ? 11  DC  A OP2   1 
ATOM   206 O  "O5'" . DC  A 1 11 ? -2.427  -1.273  -15.425 1.00 36.67 ? 11  DC  A "O5'" 1 
ATOM   207 C  "C5'" . DC  A 1 11 ? -2.398  -0.129  -14.565 1.00 34.29 ? 11  DC  A "C5'" 1 
ATOM   208 C  "C4'" . DC  A 1 11 ? -1.144  0.651   -14.848 1.00 35.42 ? 11  DC  A "C4'" 1 
ATOM   209 O  "O4'" . DC  A 1 11 ? 0.012   -0.112  -14.410 1.00 34.31 ? 11  DC  A "O4'" 1 
ATOM   210 C  "C3'" . DC  A 1 11 ? -0.933  0.925   -16.338 1.00 32.87 ? 11  DC  A "C3'" 1 
ATOM   211 O  "O3'" . DC  A 1 11 ? -0.498  2.273   -16.344 1.00 36.71 ? 11  DC  A "O3'" 1 
ATOM   212 C  "C2'" . DC  A 1 11 ? 0.071   -0.131  -16.770 1.00 34.20 ? 11  DC  A "C2'" 1 
ATOM   213 C  "C1'" . DC  A 1 11 ? 0.891   -0.358  -15.498 1.00 31.08 ? 11  DC  A "C1'" 1 
ATOM   214 N  N1    . DC  A 1 11 ? 1.479   -1.684  -15.273 1.00 26.90 ? 11  DC  A N1    1 
ATOM   215 C  C2    . DC  A 1 11 ? 2.735   -1.760  -14.643 1.00 25.36 ? 11  DC  A C2    1 
ATOM   216 O  O2    . DC  A 1 11 ? 3.343   -0.712  -14.390 1.00 22.11 ? 11  DC  A O2    1 
ATOM   217 N  N3    . DC  A 1 11 ? 3.256   -2.973  -14.349 1.00 21.92 ? 11  DC  A N3    1 
ATOM   218 C  C4    . DC  A 1 11 ? 2.555   -4.078  -14.612 1.00 23.87 ? 11  DC  A C4    1 
ATOM   219 N  N4    . DC  A 1 11 ? 3.102   -5.254  -14.308 1.00 23.10 ? 11  DC  A N4    1 
ATOM   220 C  C5    . DC  A 1 11 ? 1.281   -4.029  -15.256 1.00 26.02 ? 11  DC  A C5    1 
ATOM   221 C  C6    . DC  A 1 11 ? 0.767   -2.822  -15.523 1.00 26.67 ? 11  DC  A C6    1 
ATOM   222 P  P     . DG  A 1 12 ? -0.475  3.131   -17.690 1.00 36.05 ? 12  DG  A P     1 
ATOM   223 O  OP1   . DG  A 1 12 ? -0.522  4.547   -17.244 1.00 33.69 ? 12  DG  A OP1   1 
ATOM   224 O  OP2   . DG  A 1 12 ? -1.416  2.529   -18.682 1.00 41.74 ? 12  DG  A OP2   1 
ATOM   225 O  "O5'" . DG  A 1 12 ? 0.942   2.790   -18.290 1.00 35.98 ? 12  DG  A "O5'" 1 
ATOM   226 C  "C5'" . DG  A 1 12 ? 2.114   3.339   -17.666 1.00 34.88 ? 12  DG  A "C5'" 1 
ATOM   227 C  "C4'" . DG  A 1 12 ? 3.320   2.760   -18.351 1.00 35.55 ? 12  DG  A "C4'" 1 
ATOM   228 O  "O4'" . DG  A 1 12 ? 3.482   1.426   -17.838 1.00 33.09 ? 12  DG  A "O4'" 1 
ATOM   229 C  "C3'" . DG  A 1 12 ? 3.160   2.617   -19.864 1.00 35.13 ? 12  DG  A "C3'" 1 
ATOM   230 O  "O3'" . DG  A 1 12 ? 3.816   3.695   -20.527 1.00 46.16 ? 12  DG  A "O3'" 1 
ATOM   231 C  "C2'" . DG  A 1 12 ? 3.725   1.239   -20.176 1.00 36.39 ? 12  DG  A "C2'" 1 
ATOM   232 C  "C1'" . DG  A 1 12 ? 4.131   0.654   -18.814 1.00 33.79 ? 12  DG  A "C1'" 1 
ATOM   233 N  N9    . DG  A 1 12 ? 3.798   -0.749  -18.570 1.00 29.43 ? 12  DG  A N9    1 
ATOM   234 C  C8    . DG  A 1 12 ? 2.646   -1.414  -18.922 1.00 29.41 ? 12  DG  A C8    1 
ATOM   235 N  N7    . DG  A 1 12 ? 2.663   -2.674  -18.589 1.00 26.82 ? 12  DG  A N7    1 
ATOM   236 C  C5    . DG  A 1 12 ? 3.881   -2.846  -17.955 1.00 29.64 ? 12  DG  A C5    1 
ATOM   237 C  C6    . DG  A 1 12 ? 4.459   -4.004  -17.367 1.00 34.02 ? 12  DG  A C6    1 
ATOM   238 O  O6    . DG  A 1 12 ? 3.983   -5.144  -17.270 1.00 35.07 ? 12  DG  A O6    1 
ATOM   239 N  N1    . DG  A 1 12 ? 5.710   -3.732  -16.828 1.00 30.66 ? 12  DG  A N1    1 
ATOM   240 C  C2    . DG  A 1 12 ? 6.357   -2.520  -16.902 1.00 27.53 ? 12  DG  A C2    1 
ATOM   241 N  N2    . DG  A 1 12 ? 7.589   -2.466  -16.356 1.00 22.70 ? 12  DG  A N2    1 
ATOM   242 N  N3    . DG  A 1 12 ? 5.824   -1.432  -17.436 1.00 23.39 ? 12  DG  A N3    1 
ATOM   243 C  C4    . DG  A 1 12 ? 4.596   -1.665  -17.938 1.00 29.70 ? 12  DG  A C4    1 
ATOM   244 O  "O5'" . DC  B 1 1  ? 11.764  -9.979  -15.356 1.00 46.36 ? 13  DC  B "O5'" 1 
ATOM   245 C  "C5'" . DC  B 1 1  ? 12.862  -9.331  -14.710 1.00 44.22 ? 13  DC  B "C5'" 1 
ATOM   246 C  "C4'" . DC  B 1 1  ? 12.484  -7.920  -14.321 1.00 37.84 ? 13  DC  B "C4'" 1 
ATOM   247 O  "O4'" . DC  B 1 1  ? 11.393  -7.404  -15.119 1.00 40.63 ? 13  DC  B "O4'" 1 
ATOM   248 C  "C3'" . DC  B 1 1  ? 12.022  -7.783  -12.877 1.00 41.86 ? 13  DC  B "C3'" 1 
ATOM   249 O  "O3'" . DC  B 1 1  ? 12.563  -6.520  -12.557 1.00 46.42 ? 13  DC  B "O3'" 1 
ATOM   250 C  "C2'" . DC  B 1 1  ? 10.506  -7.768  -12.984 1.00 40.73 ? 13  DC  B "C2'" 1 
ATOM   251 C  "C1'" . DC  B 1 1  ? 10.335  -6.956  -14.262 1.00 36.15 ? 13  DC  B "C1'" 1 
ATOM   252 N  N1    . DC  B 1 1  ? 9.054   -7.106  -14.986 1.00 38.37 ? 13  DC  B N1    1 
ATOM   253 C  C2    . DC  B 1 1  ? 8.300   -5.964  -15.325 1.00 37.66 ? 13  DC  B C2    1 
ATOM   254 O  O2    . DC  B 1 1  ? 8.721   -4.843  -15.011 1.00 34.88 ? 13  DC  B O2    1 
ATOM   255 N  N3    . DC  B 1 1  ? 7.124   -6.117  -15.968 1.00 36.72 ? 13  DC  B N3    1 
ATOM   256 C  C4    . DC  B 1 1  ? 6.717   -7.335  -16.334 1.00 42.98 ? 13  DC  B C4    1 
ATOM   257 N  N4    . DC  B 1 1  ? 5.557   -7.434  -16.985 1.00 40.92 ? 13  DC  B N4    1 
ATOM   258 C  C5    . DC  B 1 1  ? 7.473   -8.506  -16.031 1.00 42.93 ? 13  DC  B C5    1 
ATOM   259 C  C6    . DC  B 1 1  ? 8.621   -8.348  -15.358 1.00 47.76 ? 13  DC  B C6    1 
ATOM   260 P  P     . DG  B 1 2  ? 13.476  -6.349  -11.292 1.00 51.20 ? 14  DG  B P     1 
ATOM   261 O  OP1   . DG  B 1 2  ? 14.824  -6.882  -11.603 1.00 46.02 ? 14  DG  B OP1   1 
ATOM   262 O  OP2   . DG  B 1 2  ? 12.687  -6.797  -10.110 1.00 39.35 ? 14  DG  B OP2   1 
ATOM   263 O  "O5'" . DG  B 1 2  ? 13.645  -4.761  -11.197 1.00 48.73 ? 14  DG  B "O5'" 1 
ATOM   264 C  "C5'" . DG  B 1 2  ? 13.775  -3.932  -12.366 1.00 40.63 ? 14  DG  B "C5'" 1 
ATOM   265 C  "C4'" . DG  B 1 2  ? 12.976  -2.664  -12.175 1.00 37.56 ? 14  DG  B "C4'" 1 
ATOM   266 O  "O4'" . DG  B 1 2  ? 11.625  -2.863  -12.645 1.00 36.67 ? 14  DG  B "O4'" 1 
ATOM   267 C  "C3'" . DG  B 1 2  ? 12.862  -2.189  -10.724 1.00 36.74 ? 14  DG  B "C3'" 1 
ATOM   268 O  "O3'" . DG  B 1 2  ? 13.150  -0.803  -10.628 1.00 33.38 ? 14  DG  B "O3'" 1 
ATOM   269 C  "C2'" . DG  B 1 2  ? 11.449  -2.548  -10.327 1.00 36.23 ? 14  DG  B "C2'" 1 
ATOM   270 C  "C1'" . DG  B 1 2  ? 10.701  -2.467  -11.642 1.00 34.33 ? 14  DG  B "C1'" 1 
ATOM   271 N  N9    . DG  B 1 2  ? 9.584   -3.393  -11.706 1.00 30.26 ? 14  DG  B N9    1 
ATOM   272 C  C8    . DG  B 1 2  ? 9.557   -4.685  -11.246 1.00 29.27 ? 14  DG  B C8    1 
ATOM   273 N  N7    . DG  B 1 2  ? 8.412   -5.276  -11.446 1.00 30.83 ? 14  DG  B N7    1 
ATOM   274 C  C5    . DG  B 1 2  ? 7.632   -4.314  -12.070 1.00 29.48 ? 14  DG  B C5    1 
ATOM   275 C  C6    . DG  B 1 2  ? 6.310   -4.393  -12.582 1.00 28.19 ? 14  DG  B C6    1 
ATOM   276 O  O6    . DG  B 1 2  ? 5.535   -5.351  -12.575 1.00 28.18 ? 14  DG  B O6    1 
ATOM   277 N  N1    . DG  B 1 2  ? 5.913   -3.193  -13.151 1.00 27.69 ? 14  DG  B N1    1 
ATOM   278 C  C2    . DG  B 1 2  ? 6.691   -2.065  -13.239 1.00 27.39 ? 14  DG  B C2    1 
ATOM   279 N  N2    . DG  B 1 2  ? 6.122   -1.006  -13.826 1.00 26.53 ? 14  DG  B N2    1 
ATOM   280 N  N3    . DG  B 1 2  ? 7.945   -1.997  -12.823 1.00 24.62 ? 14  DG  B N3    1 
ATOM   281 C  C4    . DG  B 1 2  ? 8.343   -3.145  -12.240 1.00 29.30 ? 14  DG  B C4    1 
ATOM   282 P  P     . DT  B 1 3  ? 13.111  -0.022  -9.251  1.00 32.58 ? 15  DT  B P     1 
ATOM   283 O  OP1   . DT  B 1 3  ? 14.271  0.870   -9.181  1.00 31.82 ? 15  DT  B OP1   1 
ATOM   284 O  OP2   . DT  B 1 3  ? 12.792  -0.894  -8.113  1.00 29.05 ? 15  DT  B OP2   1 
ATOM   285 O  "O5'" . DT  B 1 3  ? 11.775  0.838   -9.413  1.00 27.43 ? 15  DT  B "O5'" 1 
ATOM   286 C  "C5'" . DT  B 1 3  ? 11.524  1.682   -10.536 1.00 24.44 ? 15  DT  B "C5'" 1 
ATOM   287 C  "C4'" . DT  B 1 3  ? 10.060  2.043   -10.530 1.00 23.61 ? 15  DT  B "C4'" 1 
ATOM   288 O  "O4'" . DT  B 1 3  ? 9.291   0.860   -10.771 1.00 25.23 ? 15  DT  B "O4'" 1 
ATOM   289 C  "C3'" . DT  B 1 3  ? 9.534   2.601   -9.208  1.00 25.84 ? 15  DT  B "C3'" 1 
ATOM   290 O  "O3'" . DT  B 1 3  ? 9.508   4.018   -9.354  1.00 27.65 ? 15  DT  B "O3'" 1 
ATOM   291 C  "C2'" . DT  B 1 3  ? 8.112   2.066   -9.112  1.00 26.55 ? 15  DT  B "C2'" 1 
ATOM   292 C  "C1'" . DT  B 1 3  ? 8.031   0.930   -10.100 1.00 27.22 ? 15  DT  B "C1'" 1 
ATOM   293 N  N1    . DT  B 1 3  ? 7.773   -0.393  -9.514  1.00 26.00 ? 15  DT  B N1    1 
ATOM   294 C  C2    . DT  B 1 3  ? 6.600   -1.032  -9.854  1.00 24.76 ? 15  DT  B C2    1 
ATOM   295 O  O2    . DT  B 1 3  ? 5.751   -0.533  -10.563 1.00 22.82 ? 15  DT  B O2    1 
ATOM   296 N  N3    . DT  B 1 3  ? 6.486   -2.307  -9.377  1.00 23.48 ? 15  DT  B N3    1 
ATOM   297 C  C4    . DT  B 1 3  ? 7.361   -2.969  -8.545  1.00 27.00 ? 15  DT  B C4    1 
ATOM   298 O  O4    . DT  B 1 3  ? 7.088   -4.099  -8.153  1.00 25.24 ? 15  DT  B O4    1 
ATOM   299 C  C5    . DT  B 1 3  ? 8.567   -2.243  -8.212  1.00 27.99 ? 15  DT  B C5    1 
ATOM   300 C  C7    . DT  B 1 3  ? 9.592   -2.902  -7.342  1.00 30.35 ? 15  DT  B C7    1 
ATOM   301 C  C6    . DT  B 1 3  ? 8.712   -1.004  -8.708  1.00 25.55 ? 15  DT  B C6    1 
ATOM   302 P  P     . DG  B 1 4  ? 9.027   4.977   -8.156  1.00 32.67 ? 16  DG  B P     1 
ATOM   303 O  OP1   . DG  B 1 4  ? 9.721   6.255   -8.358  1.00 38.29 ? 16  DG  B OP1   1 
ATOM   304 O  OP2   . DG  B 1 4  ? 9.112   4.249   -6.862  1.00 31.75 ? 16  DG  B OP2   1 
ATOM   305 O  "O5'" . DG  B 1 4  ? 7.459   5.105   -8.417  1.00 28.66 ? 16  DG  B "O5'" 1 
ATOM   306 C  "C5'" . DG  B 1 4  ? 6.913   5.700   -9.618  1.00 27.26 ? 16  DG  B "C5'" 1 
ATOM   307 C  "C4'" . DG  B 1 4  ? 5.411   5.562   -9.583  1.00 27.06 ? 16  DG  B "C4'" 1 
ATOM   308 O  "O4'" . DG  B 1 4  ? 5.083   4.159   -9.406  1.00 24.87 ? 16  DG  B "O4'" 1 
ATOM   309 C  "C3'" . DG  B 1 4  ? 4.754   6.305   -8.412  1.00 27.70 ? 16  DG  B "C3'" 1 
ATOM   310 O  "O3'" . DG  B 1 4  ? 3.544   6.866   -8.928  1.00 35.73 ? 16  DG  B "O3'" 1 
ATOM   311 C  "C2'" . DG  B 1 4  ? 4.651   5.236   -7.339  1.00 24.45 ? 16  DG  B "C2'" 1 
ATOM   312 C  "C1'" . DG  B 1 4  ? 4.435   3.972   -8.145  1.00 24.33 ? 16  DG  B "C1'" 1 
ATOM   313 N  N9    . DG  B 1 4  ? 4.912   2.714   -7.564  1.00 22.43 ? 16  DG  B N9    1 
ATOM   314 C  C8    . DG  B 1 4  ? 5.991   2.510   -6.730  1.00 23.06 ? 16  DG  B C8    1 
ATOM   315 N  N7    . DG  B 1 4  ? 6.109   1.270   -6.340  1.00 20.83 ? 16  DG  B N7    1 
ATOM   316 C  C5    . DG  B 1 4  ? 5.049   0.610   -6.957  1.00 20.62 ? 16  DG  B C5    1 
ATOM   317 C  C6    . DG  B 1 4  ? 4.642   -0.762  -6.902  1.00 19.53 ? 16  DG  B C6    1 
ATOM   318 O  O6    . DG  B 1 4  ? 5.206   -1.727  -6.350  1.00 20.08 ? 16  DG  B O6    1 
ATOM   319 N  N1    . DG  B 1 4  ? 3.535   -0.993  -7.706  1.00 19.06 ? 16  DG  B N1    1 
ATOM   320 C  C2    . DG  B 1 4  ? 2.831   -0.030  -8.386  1.00 21.84 ? 16  DG  B C2    1 
ATOM   321 N  N2    . DG  B 1 4  ? 1.741   -0.452  -9.050  1.00 21.13 ? 16  DG  B N2    1 
ATOM   322 N  N3    . DG  B 1 4  ? 3.176   1.247   -8.427  1.00 22.32 ? 16  DG  B N3    1 
ATOM   323 C  C4    . DG  B 1 4  ? 4.309   1.487   -7.726  1.00 20.74 ? 16  DG  B C4    1 
ATOM   324 P  P     . DA  B 1 5  ? 2.262   7.160   -7.979  1.00 34.89 ? 17  DA  B P     1 
ATOM   325 O  OP1   . DA  B 1 5  ? 1.509   8.232   -8.657  1.00 45.80 ? 17  DA  B OP1   1 
ATOM   326 O  OP2   . DA  B 1 5  ? 2.751   7.400   -6.587  1.00 33.74 ? 17  DA  B OP2   1 
ATOM   327 O  "O5'" . DA  B 1 5  ? 1.431   5.819   -8.087  1.00 30.76 ? 17  DA  B "O5'" 1 
ATOM   328 C  "C5'" . DA  B 1 5  ? 0.888   5.393   -9.344  1.00 29.70 ? 17  DA  B "C5'" 1 
ATOM   329 C  "C4'" . DA  B 1 5  ? -0.216  4.401   -9.105  1.00 28.61 ? 17  DA  B "C4'" 1 
ATOM   330 O  "O4'" . DA  B 1 5  ? 0.303   3.204   -8.476  1.00 29.53 ? 17  DA  B "O4'" 1 
ATOM   331 C  "C3'" . DA  B 1 5  ? -1.326  4.914   -8.186  1.00 30.50 ? 17  DA  B "C3'" 1 
ATOM   332 O  "O3'" . DA  B 1 5  ? -2.546  4.449   -8.753  1.00 35.36 ? 17  DA  B "O3'" 1 
ATOM   333 C  "C2'" . DA  B 1 5  ? -0.983  4.314   -6.831  1.00 27.95 ? 17  DA  B "C2'" 1 
ATOM   334 C  "C1'" . DA  B 1 5  ? -0.298  3.006   -7.181  1.00 27.10 ? 17  DA  B "C1'" 1 
ATOM   335 N  N9    . DA  B 1 5  ? 0.768   2.578   -6.266  1.00 22.65 ? 17  DA  B N9    1 
ATOM   336 C  C8    . DA  B 1 5  ? 1.805   3.350   -5.800  1.00 24.77 ? 17  DA  B C8    1 
ATOM   337 N  N7    . DA  B 1 5  ? 2.671   2.691   -5.068  1.00 22.34 ? 17  DA  B N7    1 
ATOM   338 C  C5    . DA  B 1 5  ? 2.168   1.399   -5.039  1.00 22.84 ? 17  DA  B C5    1 
ATOM   339 C  C6    . DA  B 1 5  ? 2.636   0.220   -4.433  1.00 19.83 ? 17  DA  B C6    1 
ATOM   340 N  N6    . DA  B 1 5  ? 3.739   0.166   -3.692  1.00 19.25 ? 17  DA  B N6    1 
ATOM   341 N  N1    . DA  B 1 5  ? 1.912   -0.909  -4.605  1.00 20.43 ? 17  DA  B N1    1 
ATOM   342 C  C2    . DA  B 1 5  ? 0.810   -0.854  -5.380  1.00 21.53 ? 17  DA  B C2    1 
ATOM   343 N  N3    . DA  B 1 5  ? 0.260   0.206   -5.986  1.00 21.40 ? 17  DA  B N3    1 
ATOM   344 C  C4    . DA  B 1 5  ? 0.991   1.314   -5.767  1.00 22.17 ? 17  DA  B C4    1 
ATOM   345 P  P     . DA  B 1 6  ? -3.987  4.695   -8.007  1.00 37.40 ? 18  DA  B P     1 
ATOM   346 O  OP1   . DA  B 1 6  ? -5.010  4.732   -9.079  1.00 45.37 ? 18  DA  B OP1   1 
ATOM   347 O  OP2   . DA  B 1 6  ? -3.829  5.805   -7.047  1.00 30.99 ? 18  DA  B OP2   1 
ATOM   348 O  "O5'" . DA  B 1 6  ? -4.226  3.344   -7.206  1.00 33.32 ? 18  DA  B "O5'" 1 
ATOM   349 C  "C5'" . DA  B 1 6  ? -4.195  2.061   -7.811  1.00 32.57 ? 18  DA  B "C5'" 1 
ATOM   350 C  "C4'" . DA  B 1 6  ? -4.310  1.034   -6.709  1.00 33.27 ? 18  DA  B "C4'" 1 
ATOM   351 O  "O4'" . DA  B 1 6  ? -3.068  0.932   -5.965  1.00 30.08 ? 18  DA  B "O4'" 1 
ATOM   352 C  "C3'" . DA  B 1 6  ? -5.398  1.348   -5.666  1.00 32.21 ? 18  DA  B "C3'" 1 
ATOM   353 O  "O3'" . DA  B 1 6  ? -6.241  0.212   -5.640  1.00 32.79 ? 18  DA  B "O3'" 1 
ATOM   354 C  "C2'" . DA  B 1 6  ? -4.641  1.550   -4.360  1.00 29.56 ? 18  DA  B "C2'" 1 
ATOM   355 C  "C1'" . DA  B 1 6  ? -3.374  0.739   -4.590  1.00 27.48 ? 18  DA  B "C1'" 1 
ATOM   356 N  N9    . DA  B 1 6  ? -2.212  1.173   -3.834  1.00 24.72 ? 18  DA  B N9    1 
ATOM   357 C  C8    . DA  B 1 6  ? -1.657  2.426   -3.823  1.00 21.12 ? 18  DA  B C8    1 
ATOM   358 N  N7    . DA  B 1 6  ? -0.556  2.508   -3.116  1.00 23.15 ? 18  DA  B N7    1 
ATOM   359 C  C5    . DA  B 1 6  ? -0.374  1.220   -2.634  1.00 21.40 ? 18  DA  B C5    1 
ATOM   360 C  C6    . DA  B 1 6  ? 0.660   0.637   -1.886  1.00 19.20 ? 18  DA  B C6    1 
ATOM   361 N  N6    . DA  B 1 6  ? 1.675   1.330   -1.385  1.00 20.14 ? 18  DA  B N6    1 
ATOM   362 N  N1    . DA  B 1 6  ? 0.596   -0.692  -1.650  1.00 18.92 ? 18  DA  B N1    1 
ATOM   363 C  C2    . DA  B 1 6  ? -0.449  -1.378  -2.136  1.00 20.69 ? 18  DA  B C2    1 
ATOM   364 N  N3    . DA  B 1 6  ? -1.468  -0.946  -2.880  1.00 22.01 ? 18  DA  B N3    1 
ATOM   365 C  C4    . DA  B 1 6  ? -1.353  0.375   -3.119  1.00 22.62 ? 18  DA  B C4    1 
ATOM   366 P  P     . DT  B 1 7  ? -7.554  0.154   -4.671  1.00 34.92 ? 19  DT  B P     1 
ATOM   367 O  OP1   . DT  B 1 7  ? -8.583  -0.587  -5.392  1.00 39.01 ? 19  DT  B OP1   1 
ATOM   368 O  OP2   . DT  B 1 7  ? -7.745  1.472   -4.012  1.00 33.92 ? 19  DT  B OP2   1 
ATOM   369 O  "O5'" . DT  B 1 7  ? -7.078  -0.819  -3.506  1.00 36.82 ? 19  DT  B "O5'" 1 
ATOM   370 C  "C5'" . DT  B 1 7  ? -6.487  -2.067  -3.861  1.00 31.62 ? 19  DT  B "C5'" 1 
ATOM   371 C  "C4'" . DT  B 1 7  ? -5.789  -2.671  -2.668  1.00 34.06 ? 19  DT  B "C4'" 1 
ATOM   372 O  "O4'" . DT  B 1 7  ? -4.653  -1.884  -2.241  1.00 28.70 ? 19  DT  B "O4'" 1 
ATOM   373 C  "C3'" . DT  B 1 7  ? -6.700  -2.815  -1.441  1.00 31.40 ? 19  DT  B "C3'" 1 
ATOM   374 O  "O3'" . DT  B 1 7  ? -6.610  -4.209  -1.210  1.00 36.83 ? 19  DT  B "O3'" 1 
ATOM   375 C  "C2'" . DT  B 1 7  ? -6.012  -1.996  -0.351  1.00 28.99 ? 19  DT  B "C2'" 1 
ATOM   376 C  "C1'" . DT  B 1 7  ? -4.552  -1.981  -0.822  1.00 24.17 ? 19  DT  B "C1'" 1 
ATOM   377 N  N1    . DT  B 1 7  ? -3.716  -0.864  -0.381  1.00 24.44 ? 19  DT  B N1    1 
ATOM   378 C  C2    . DT  B 1 7  ? -2.561  -1.101  0.336   1.00 24.89 ? 19  DT  B C2    1 
ATOM   379 O  O2    . DT  B 1 7  ? -2.223  -2.213  0.715   1.00 23.91 ? 19  DT  B O2    1 
ATOM   380 N  N3    . DT  B 1 7  ? -1.849  0.030   0.659   1.00 22.33 ? 19  DT  B N3    1 
ATOM   381 C  C4    . DT  B 1 7  ? -2.124  1.327   0.274   1.00 22.88 ? 19  DT  B C4    1 
ATOM   382 O  O4    . DT  B 1 7  ? -1.344  2.224   0.577   1.00 21.32 ? 19  DT  B O4    1 
ATOM   383 C  C5    . DT  B 1 7  ? -3.343  1.499   -0.497  1.00 21.34 ? 19  DT  B C5    1 
ATOM   384 C  C7    . DT  B 1 7  ? -3.766  2.875   -0.904  1.00 24.43 ? 19  DT  B C7    1 
ATOM   385 C  C6    . DT  B 1 7  ? -4.075  0.413   -0.758  1.00 22.00 ? 19  DT  B C6    1 
ATOM   386 P  P     . DT  B 1 8  ? -7.486  -4.907  -0.064  1.00 38.09 ? 20  DT  B P     1 
ATOM   387 O  OP1   . DT  B 1 8  ? -7.574  -6.334  -0.438  1.00 37.84 ? 20  DT  B OP1   1 
ATOM   388 O  OP2   . DT  B 1 8  ? -8.641  -4.018  0.211   1.00 33.65 ? 20  DT  B OP2   1 
ATOM   389 O  "O5'" . DT  B 1 8  ? -6.521  -4.906  1.190   1.00 35.22 ? 20  DT  B "O5'" 1 
ATOM   390 C  "C5'" . DT  B 1 8  ? -5.390  -5.777  1.165   1.00 37.19 ? 20  DT  B "C5'" 1 
ATOM   391 C  "C4'" . DT  B 1 8  ? -4.614  -5.553  2.430   1.00 34.51 ? 20  DT  B "C4'" 1 
ATOM   392 O  "O4'" . DT  B 1 8  ? -4.169  -4.185  2.441   1.00 33.11 ? 20  DT  B "O4'" 1 
ATOM   393 C  "C3'" . DT  B 1 8  ? -5.471  -5.731  3.687   1.00 36.54 ? 20  DT  B "C3'" 1 
ATOM   394 O  "O3'" . DT  B 1 8  ? -4.853  -6.775  4.444   1.00 38.97 ? 20  DT  B "O3'" 1 
ATOM   395 C  "C2'" . DT  B 1 8  ? -5.482  -4.348  4.334   1.00 35.51 ? 20  DT  B "C2'" 1 
ATOM   396 C  "C1'" . DT  B 1 8  ? -4.203  -3.740  3.772   1.00 32.23 ? 20  DT  B "C1'" 1 
ATOM   397 N  N1    . DT  B 1 8  ? -4.059  -2.274  3.729   1.00 32.80 ? 20  DT  B N1    1 
ATOM   398 C  C2    . DT  B 1 8  ? -2.888  -1.722  4.205   1.00 25.52 ? 20  DT  B C2    1 
ATOM   399 O  O2    . DT  B 1 8  ? -2.027  -2.371  4.762   1.00 30.23 ? 20  DT  B O2    1 
ATOM   400 N  N3    . DT  B 1 8  ? -2.772  -0.372  4.005   1.00 26.62 ? 20  DT  B N3    1 
ATOM   401 C  C4    . DT  B 1 8  ? -3.691  0.463   3.394   1.00 25.88 ? 20  DT  B C4    1 
ATOM   402 O  O4    . DT  B 1 8  ? -3.455  1.654   3.307   1.00 24.81 ? 20  DT  B O4    1 
ATOM   403 C  C5    . DT  B 1 8  ? -4.892  -0.186  2.905   1.00 27.47 ? 20  DT  B C5    1 
ATOM   404 C  C7    . DT  B 1 8  ? -5.961  0.639   2.255   1.00 30.90 ? 20  DT  B C7    1 
ATOM   405 C  C6    . DT  B 1 8  ? -4.995  -1.508  3.063   1.00 29.33 ? 20  DT  B C6    1 
ATOM   406 P  P     . DC  B 1 9  ? -5.534  -7.299  5.762   1.00 42.67 ? 21  DC  B P     1 
ATOM   407 O  OP1   . DC  B 1 9  ? -5.175  -8.726  5.880   1.00 44.40 ? 21  DC  B OP1   1 
ATOM   408 O  OP2   . DC  B 1 9  ? -6.950  -6.848  5.755   1.00 44.91 ? 21  DC  B OP2   1 
ATOM   409 O  "O5'" . DC  B 1 9  ? -4.763  -6.485  6.887   1.00 47.10 ? 21  DC  B "O5'" 1 
ATOM   410 C  "C5'" . DC  B 1 9  ? -3.337  -6.624  7.002   1.00 53.00 ? 21  DC  B "C5'" 1 
ATOM   411 C  "C4'" . DC  B 1 9  ? -2.814  -5.643  8.019   1.00 55.99 ? 21  DC  B "C4'" 1 
ATOM   412 O  "O4'" . DC  B 1 9  ? -2.851  -4.321  7.440   1.00 53.46 ? 21  DC  B "O4'" 1 
ATOM   413 C  "C3'" . DC  B 1 9  ? -3.651  -5.576  9.303   1.00 55.77 ? 21  DC  B "C3'" 1 
ATOM   414 O  "O3'" . DC  B 1 9  ? -2.875  -6.013  10.412  1.00 60.35 ? 21  DC  B "O3'" 1 
ATOM   415 C  "C2'" . DC  B 1 9  ? -4.060  -4.119  9.429   1.00 52.39 ? 21  DC  B "C2'" 1 
ATOM   416 C  "C1'" . DC  B 1 9  ? -3.131  -3.400  8.475   1.00 47.10 ? 21  DC  B "C1'" 1 
ATOM   417 N  N1    . DC  B 1 9  ? -3.705  -2.190  7.866   1.00 40.98 ? 21  DC  B N1    1 
ATOM   418 C  C2    . DC  B 1 9  ? -2.991  -0.986  7.957   1.00 37.38 ? 21  DC  B C2    1 
ATOM   419 O  O2    . DC  B 1 9  ? -1.907  -0.970  8.566   1.00 31.05 ? 21  DC  B O2    1 
ATOM   420 N  N3    . DC  B 1 9  ? -3.521  0.134   7.420   1.00 33.43 ? 21  DC  B N3    1 
ATOM   421 C  C4    . DC  B 1 9  ? -4.668  0.072   6.743   1.00 31.99 ? 21  DC  B C4    1 
ATOM   422 N  N4    . DC  B 1 9  ? -5.145  1.206   6.226   1.00 28.82 ? 21  DC  B N4    1 
ATOM   423 C  C5    . DC  B 1 9  ? -5.424  -1.136  6.649   1.00 32.65 ? 21  DC  B C5    1 
ATOM   424 C  C6    . DC  B 1 9  ? -4.909  -2.231  7.218   1.00 34.22 ? 21  DC  B C6    1 
ATOM   425 P  P     . DA  B 1 10 ? -3.519  -6.070  11.892  1.00 66.00 ? 22  DA  B P     1 
ATOM   426 O  OP1   . DA  B 1 10 ? -3.347  -7.459  12.401  1.00 74.09 ? 22  DA  B OP1   1 
ATOM   427 O  OP2   . DA  B 1 10 ? -4.870  -5.425  11.924  1.00 53.38 ? 22  DA  B OP2   1 
ATOM   428 O  "O5'" . DA  B 1 10 ? -2.547  -5.105  12.689  1.00 59.61 ? 22  DA  B "O5'" 1 
ATOM   429 C  "C5'" . DA  B 1 10 ? -1.431  -4.444  12.059  1.00 50.55 ? 22  DA  B "C5'" 1 
ATOM   430 C  "C4'" . DA  B 1 10 ? -0.984  -3.330  12.980  1.00 53.54 ? 22  DA  B "C4'" 1 
ATOM   431 O  "O4'" . DA  B 1 10 ? -1.325  -2.045  12.422  1.00 52.65 ? 22  DA  B "O4'" 1 
ATOM   432 C  "C3'" . DA  B 1 10 ? -1.625  -3.358  14.368  1.00 49.35 ? 22  DA  B "C3'" 1 
ATOM   433 O  "O3'" . DA  B 1 10 ? -0.653  -2.872  15.265  1.00 51.06 ? 22  DA  B "O3'" 1 
ATOM   434 C  "C2'" . DA  B 1 10 ? -2.815  -2.433  14.239  1.00 50.82 ? 22  DA  B "C2'" 1 
ATOM   435 C  "C1'" . DA  B 1 10 ? -2.330  -1.414  13.212  1.00 51.29 ? 22  DA  B "C1'" 1 
ATOM   436 N  N9    . DA  B 1 10 ? -3.362  -0.898  12.309  1.00 48.80 ? 22  DA  B N9    1 
ATOM   437 C  C8    . DA  B 1 10 ? -4.512  -1.515  11.876  1.00 51.01 ? 22  DA  B C8    1 
ATOM   438 N  N7    . DA  B 1 10 ? -5.245  -0.769  11.084  1.00 44.75 ? 22  DA  B N7    1 
ATOM   439 C  C5    . DA  B 1 10 ? -4.553  0.432   11.025  1.00 36.21 ? 22  DA  B C5    1 
ATOM   440 C  C6    . DA  B 1 10 ? -4.811  1.628   10.350  1.00 30.51 ? 22  DA  B C6    1 
ATOM   441 N  N6    . DA  B 1 10 ? -5.889  1.825   9.599   1.00 32.15 ? 22  DA  B N6    1 
ATOM   442 N  N1    . DA  B 1 10 ? -3.925  2.636   10.491  1.00 29.58 ? 22  DA  B N1    1 
ATOM   443 C  C2    . DA  B 1 10 ? -2.843  2.437   11.257  1.00 30.26 ? 22  DA  B C2    1 
ATOM   444 N  N3    . DA  B 1 10 ? -2.485  1.347   11.936  1.00 31.99 ? 22  DA  B N3    1 
ATOM   445 C  C4    . DA  B 1 10 ? -3.382  0.361   11.757  1.00 39.04 ? 22  DA  B C4    1 
ATOM   446 P  P     . DC  B 1 11 ? -0.906  -2.915  16.797  1.00 49.56 ? 23  DC  B P     1 
ATOM   447 O  OP1   . DC  B 1 11 ? 0.390   -3.282  17.445  1.00 50.42 ? 23  DC  B OP1   1 
ATOM   448 O  OP2   . DC  B 1 11 ? -2.179  -3.611  17.070  1.00 50.82 ? 23  DC  B OP2   1 
ATOM   449 O  "O5'" . DC  B 1 11 ? -1.182  -1.387  17.135  1.00 51.08 ? 23  DC  B "O5'" 1 
ATOM   450 C  "C5'" . DC  B 1 11 ? -0.236  -0.364  16.761  1.00 43.24 ? 23  DC  B "C5'" 1 
ATOM   451 C  "C4'" . DC  B 1 11 ? -0.889  0.980   16.956  1.00 36.59 ? 23  DC  B "C4'" 1 
ATOM   452 O  "O4'" . DC  B 1 11 ? -1.788  1.250   15.855  1.00 33.12 ? 23  DC  B "O4'" 1 
ATOM   453 C  "C3'" . DC  B 1 11 ? -1.728  1.075   18.234  1.00 35.24 ? 23  DC  B "C3'" 1 
ATOM   454 O  "O3'" . DC  B 1 11 ? -1.233  2.216   18.909  1.00 42.35 ? 23  DC  B "O3'" 1 
ATOM   455 C  "C2'" . DC  B 1 11 ? -3.152  1.207   17.726  1.00 34.50 ? 23  DC  B "C2'" 1 
ATOM   456 C  "C1'" . DC  B 1 11 ? -2.935  1.862   16.372  1.00 29.88 ? 23  DC  B "C1'" 1 
ATOM   457 N  N1    . DC  B 1 11 ? -4.028  1.717   15.400  1.00 26.62 ? 23  DC  B N1    1 
ATOM   458 C  C2    . DC  B 1 11 ? -4.370  2.809   14.600  1.00 23.43 ? 23  DC  B C2    1 
ATOM   459 O  O2    . DC  B 1 11 ? -3.680  3.841   14.660  1.00 25.89 ? 23  DC  B O2    1 
ATOM   460 N  N3    . DC  B 1 11 ? -5.449  2.724   13.793  1.00 23.55 ? 23  DC  B N3    1 
ATOM   461 C  C4    . DC  B 1 11 ? -6.165  1.599   13.751  1.00 26.90 ? 23  DC  B C4    1 
ATOM   462 N  N4    . DC  B 1 11 ? -7.179  1.535   12.890  1.00 27.59 ? 23  DC  B N4    1 
ATOM   463 C  C5    . DC  B 1 11 ? -5.828  0.462   14.543  1.00 29.43 ? 23  DC  B C5    1 
ATOM   464 C  C6    . DC  B 1 11 ? -4.783  0.574   15.369  1.00 27.45 ? 23  DC  B C6    1 
ATOM   465 P  P     . DG  B 1 12 ? -1.583  2.530   20.419  1.00 42.29 ? 24  DG  B P     1 
ATOM   466 O  OP1   . DG  B 1 12 ? -0.317  2.619   21.138  1.00 39.82 ? 24  DG  B OP1   1 
ATOM   467 O  OP2   . DG  B 1 12 ? -2.736  1.702   20.890  1.00 32.87 ? 24  DG  B OP2   1 
ATOM   468 O  "O5'" . DG  B 1 12 ? -2.125  4.030   20.335  1.00 32.88 ? 24  DG  B "O5'" 1 
ATOM   469 C  "C5'" . DG  B 1 12 ? -1.270  5.083   19.901  1.00 27.73 ? 24  DG  B "C5'" 1 
ATOM   470 C  "C4'" . DG  B 1 12 ? -2.099  6.206   19.329  1.00 29.86 ? 24  DG  B "C4'" 1 
ATOM   471 O  "O4'" . DG  B 1 12 ? -2.681  5.812   18.060  1.00 27.83 ? 24  DG  B "O4'" 1 
ATOM   472 C  "C3'" . DG  B 1 12 ? -3.300  6.637   20.173  1.00 27.54 ? 24  DG  B "C3'" 1 
ATOM   473 O  "O3'" . DG  B 1 12 ? -2.917  7.435   21.302  1.00 23.67 ? 24  DG  B "O3'" 1 
ATOM   474 C  "C2'" . DG  B 1 12 ? -4.138  7.376   19.148  1.00 25.84 ? 24  DG  B "C2'" 1 
ATOM   475 C  "C1'" . DG  B 1 12 ? -3.909  6.535   17.884  1.00 29.16 ? 24  DG  B "C1'" 1 
ATOM   476 N  N9    . DG  B 1 12 ? -4.947  5.560   17.594  1.00 29.00 ? 24  DG  B N9    1 
ATOM   477 C  C8    . DG  B 1 12 ? -5.036  4.281   18.085  1.00 28.43 ? 24  DG  B C8    1 
ATOM   478 N  N7    . DG  B 1 12 ? -6.057  3.623   17.607  1.00 28.70 ? 24  DG  B N7    1 
ATOM   479 C  C5    . DG  B 1 12 ? -6.640  4.499   16.701  1.00 25.31 ? 24  DG  B C5    1 
ATOM   480 C  C6    . DG  B 1 12 ? -7.766  4.327   15.853  1.00 27.21 ? 24  DG  B C6    1 
ATOM   481 O  O6    . DG  B 1 12 ? -8.475  3.333   15.719  1.00 24.09 ? 24  DG  B O6    1 
ATOM   482 N  N1    . DG  B 1 12 ? -8.028  5.476   15.107  1.00 23.86 ? 24  DG  B N1    1 
ATOM   483 C  C2    . DG  B 1 12 ? -7.285  6.628   15.155  1.00 24.24 ? 24  DG  B C2    1 
ATOM   484 N  N2    . DG  B 1 12 ? -7.681  7.629   14.348  1.00 24.04 ? 24  DG  B N2    1 
ATOM   485 N  N3    . DG  B 1 12 ? -6.240  6.804   15.958  1.00 20.49 ? 24  DG  B N3    1 
ATOM   486 C  C4    . DG  B 1 12 ? -5.959  5.695   16.670  1.00 24.72 ? 24  DG  B C4    1 
HETATM 487 MG MG    . MG  C 2 .  ? -11.600 3.389   7.870   1.00 71.23 ? 101 MG  A MG    1 
HETATM 488 CL CL    . CL  D 3 .  ? -10.391 2.425   9.471   1.00 85.92 ? 102 CL  A CL    1 
HETATM 489 O  O     . HOH E 4 .  ? -9.864  4.957   8.264   1.00 34.31 ? 201 HOH A O     1 
HETATM 490 O  O     . HOH E 4 .  ? 5.156   2.485   2.746   1.00 35.28 ? 202 HOH A O     1 
HETATM 491 O  O     . HOH E 4 .  ? 8.472   2.473   5.620   1.00 59.63 ? 203 HOH A O     1 
HETATM 492 O  O     . HOH E 4 .  ? 0.269   -4.256  4.791   1.00 26.84 ? 204 HOH A O     1 
HETATM 493 O  O     . HOH E 4 .  ? 5.773   1.478   -0.132  1.00 32.75 ? 205 HOH A O     1 
HETATM 494 O  O     . HOH E 4 .  ? 0.434   -4.150  -18.964 1.00 37.25 ? 206 HOH A O     1 
HETATM 495 O  O     . HOH E 4 .  ? -3.162  6.543   4.665   1.00 35.44 ? 207 HOH A O     1 
HETATM 496 O  O     . HOH E 4 .  ? 2.920   3.176   -23.058 1.00 42.05 ? 208 HOH A O     1 
HETATM 497 O  O     . HOH E 4 .  ? -1.577  -1.034  -7.612  1.00 21.25 ? 209 HOH A O     1 
HETATM 498 O  O     . HOH E 4 .  ? 5.615   -6.685  -5.280  1.00 28.29 ? 210 HOH A O     1 
HETATM 499 O  O     . HOH E 4 .  ? -13.861 6.505   13.826  1.00 34.70 ? 211 HOH A O     1 
HETATM 500 O  O     . HOH E 4 .  ? -2.391  -3.468  -4.020  1.00 25.24 ? 212 HOH A O     1 
HETATM 501 O  O     . HOH E 4 .  ? 6.965   -5.431  2.395   1.00 27.12 ? 213 HOH A O     1 
HETATM 502 O  O     . HOH E 4 .  ? 1.598   -1.846  8.118   1.00 35.95 ? 214 HOH A O     1 
HETATM 503 O  O     . HOH E 4 .  ? 0.205   -0.916  -11.532 1.00 23.71 ? 215 HOH A O     1 
HETATM 504 O  O     . HOH E 4 .  ? 0.139   -12.814 -0.219  1.00 47.94 ? 216 HOH A O     1 
HETATM 505 O  O     . HOH E 4 .  ? -1.766  -8.440  -10.984 1.00 44.28 ? 217 HOH A O     1 
HETATM 506 O  O     . HOH E 4 .  ? 1.129   -7.425  -14.674 1.00 48.17 ? 218 HOH A O     1 
HETATM 507 O  O     . HOH E 4 .  ? -4.095  -10.168 -2.151  1.00 52.78 ? 219 HOH A O     1 
HETATM 508 O  O     . HOH E 4 .  ? 4.902   11.311  9.443   1.00 49.35 ? 220 HOH A O     1 
HETATM 509 O  O     . HOH E 4 .  ? 7.608   -0.619  4.102   1.00 43.04 ? 221 HOH A O     1 
HETATM 510 O  O     . HOH E 4 .  ? 0.918   -12.418 -3.301  1.00 52.57 ? 222 HOH A O     1 
HETATM 511 O  O     . HOH E 4 .  ? 3.286   4.024   1.541   1.00 39.20 ? 223 HOH A O     1 
HETATM 512 O  O     . HOH E 4 .  ? -11.085 0.302   11.718  1.00 47.87 ? 224 HOH A O     1 
HETATM 513 O  O     . HOH E 4 .  ? -10.802 14.599  7.531   1.00 46.07 ? 225 HOH A O     1 
HETATM 514 O  O     . HOH E 4 .  ? -2.955  -5.304  -1.785  1.00 35.66 ? 226 HOH A O     1 
HETATM 515 O  O     . HOH E 4 .  ? -0.821  -6.190  2.865   1.00 35.86 ? 227 HOH A O     1 
HETATM 516 O  O     . HOH E 4 .  ? -4.447  -0.104  -11.069 1.00 32.63 ? 228 HOH A O     1 
HETATM 517 O  O     . HOH E 4 .  ? -1.999  -0.110  -10.157 1.00 28.14 ? 229 HOH A O     1 
HETATM 518 O  O     . HOH E 4 .  ? 9.061   -3.007  3.562   1.00 32.48 ? 230 HOH A O     1 
HETATM 519 O  O     . HOH E 4 .  ? 4.440   -8.494  -3.178  1.00 45.59 ? 231 HOH A O     1 
HETATM 520 O  O     . HOH E 4 .  ? -16.578 5.605   12.889  1.00 31.46 ? 232 HOH A O     1 
HETATM 521 O  O     . HOH E 4 .  ? -6.673  -12.125 -2.586  1.00 46.79 ? 233 HOH A O     1 
HETATM 522 O  O     . HOH F 4 .  ? -7.897  0.804   8.640   1.00 32.77 ? 101 HOH B O     1 
HETATM 523 O  O     . HOH F 4 .  ? 0.385   4.826   -2.709  1.00 28.78 ? 102 HOH B O     1 
HETATM 524 O  O     . HOH F 4 .  ? -6.732  1.196   18.309  1.00 39.96 ? 103 HOH B O     1 
HETATM 525 O  O     . HOH F 4 .  ? 4.557   3.764   -3.599  1.00 31.44 ? 104 HOH B O     1 
HETATM 526 O  O     . HOH F 4 .  ? 7.494   -7.552  -10.413 1.00 35.37 ? 105 HOH B O     1 
HETATM 527 O  O     . HOH F 4 .  ? 7.422   -2.212  -4.935  1.00 36.57 ? 106 HOH B O     1 
HETATM 528 O  O     . HOH F 4 .  ? -1.555  -4.802  0.520   1.00 30.69 ? 107 HOH B O     1 
HETATM 529 O  O     . HOH F 4 .  ? -4.831  3.991   3.124   1.00 34.24 ? 108 HOH B O     1 
HETATM 530 O  O     . HOH F 4 .  ? -7.079  1.586   -1.346  1.00 38.46 ? 109 HOH B O     1 
HETATM 531 O  O     . HOH F 4 .  ? -0.280  7.559   22.266  1.00 30.16 ? 110 HOH B O     1 
HETATM 532 O  O     . HOH F 4 .  ? 2.539   4.044   -1.444  1.00 28.11 ? 111 HOH B O     1 
HETATM 533 O  O     . HOH F 4 .  ? 11.099  0.222   -5.974  1.00 38.49 ? 112 HOH B O     1 
HETATM 534 O  O     . HOH F 4 .  ? -4.858  2.878   -11.496 1.00 43.68 ? 113 HOH B O     1 
HETATM 535 O  O     . HOH F 4 .  ? 11.756  -5.502  -7.456  1.00 43.67 ? 114 HOH B O     1 
HETATM 536 O  O     . HOH F 4 .  ? 0.875   -0.216  20.709  1.00 52.79 ? 115 HOH B O     1 
HETATM 537 O  O     . HOH F 4 .  ? -8.901  -1.098  13.548  1.00 41.96 ? 116 HOH B O     1 
HETATM 538 O  O     . HOH F 4 .  ? -4.891  -7.215  -2.214  1.00 41.46 ? 117 HOH B O     1 
HETATM 539 O  O     . HOH F 4 .  ? 5.682   -8.695  -12.676 1.00 34.36 ? 118 HOH B O     1 
HETATM 540 O  O     . HOH F 4 .  ? -3.654  -2.519  -6.184  1.00 25.63 ? 119 HOH B O     1 
HETATM 541 O  O     . HOH F 4 .  ? -2.464  3.785   -12.506 1.00 39.51 ? 120 HOH B O     1 
HETATM 542 O  O     . HOH F 4 .  ? 8.205   -4.967  -4.436  1.00 46.75 ? 121 HOH B O     1 
HETATM 543 O  O     . HOH F 4 .  ? -8.849  0.287   0.163   1.00 36.42 ? 122 HOH B O     1 
HETATM 544 O  O     . HOH F 4 .  ? -5.957  -1.584  17.530  1.00 40.52 ? 123 HOH B O     1 
# 
